data_2VQ1
#
_entry.id   2VQ1
#
_cell.length_a   51.384
_cell.length_b   161.015
_cell.length_c   53.480
_cell.angle_alpha   90.00
_cell.angle_beta   103.07
_cell.angle_gamma   90.00
#
_symmetry.space_group_name_H-M   'P 1 21 1'
#
loop_
_entity.id
_entity.type
_entity.pdbx_description
1 polymer 'IGKV1-117 PROTEIN'
2 polymer 'ANTI-HUMAN FC GAMMA RECEPTOR III 3G8 GAMMA HEAVY CHAIN VARIABLE REGION'
3 non-polymer GLYCINE
4 non-polymer GLYCEROL
5 non-polymer 'AZIDE ION'
6 water water
#
loop_
_entity_poly.entity_id
_entity_poly.type
_entity_poly.pdbx_seq_one_letter_code
_entity_poly.pdbx_strand_id
1 'polypeptide(L)'
;DVVMTQTPLSLSVSLGDQASISCRSSQSLVHSNGNTFLQWYLQKPGQSPKLLIYKVSNRFSGVPDRFSGSGSGTDFTLKI
SRMEAEDLGIYFCSQTTHVPWTFGGGTKLEIKRADAAPTVSIFPPSSEQLTSGGASVVCFLNNFYPKDINVKWKIDGSER
QNGVLNSWTDQDSKDSTYSMSSTLTLTKDEYERHNSYTCEATHKTSTSPIVKSFNRN
;
A,E
2 'polypeptide(L)'
;QITLEESGPGILQPSQTLSLTCSFSGFSLSSSAMSVGWIRQPSGKGLEWLAHIWWNDDKYYNPALKSRLTVSKDSSDNQV
FLKIASVVTADTATYYCARIPGFGFDYWGQGTTLTVSSATTTAPSVYPLVPGCSDTSGSSVTLGCLVKGYFPEPVTVKWN
YGALSSGVRTVSSVLQSGFYSLSSLVTVPSSTWPSQTVICNVAHPASKTELIKRIEPR
;
B,F
#
# COMPACT_ATOMS: atom_id res chain seq x y z
N ASP A 1 11.41 -1.36 -34.95
CA ASP A 1 10.75 -2.08 -33.82
C ASP A 1 10.05 -3.34 -34.31
N VAL A 2 9.93 -4.33 -33.43
CA VAL A 2 9.20 -5.55 -33.75
C VAL A 2 7.70 -5.28 -33.62
N VAL A 3 6.99 -5.43 -34.74
CA VAL A 3 5.54 -5.22 -34.76
C VAL A 3 4.82 -6.52 -34.48
N MET A 4 3.94 -6.49 -33.49
CA MET A 4 3.12 -7.65 -33.14
C MET A 4 1.71 -7.48 -33.68
N THR A 5 1.31 -8.40 -34.57
CA THR A 5 -0.04 -8.39 -35.14
C THR A 5 -0.91 -9.44 -34.47
N GLN A 6 -1.99 -9.00 -33.83
CA GLN A 6 -2.92 -9.91 -33.16
C GLN A 6 -4.22 -10.10 -33.93
N THR A 7 -4.64 -11.35 -34.05
CA THR A 7 -5.85 -11.73 -34.78
C THR A 7 -6.64 -12.76 -33.95
N PRO A 8 -7.97 -12.59 -33.85
CA PRO A 8 -8.78 -11.47 -34.33
C PRO A 8 -8.73 -10.28 -33.37
N LEU A 9 -9.41 -9.20 -33.69
CA LEU A 9 -9.48 -8.05 -32.79
C LEU A 9 -10.49 -8.30 -31.67
N SER A 10 -11.49 -9.12 -31.99
CA SER A 10 -12.55 -9.49 -31.05
C SER A 10 -13.10 -10.86 -31.43
N LEU A 11 -13.43 -11.66 -30.41
CA LEU A 11 -13.98 -12.98 -30.63
C LEU A 11 -15.13 -13.22 -29.66
N SER A 12 -16.24 -13.74 -30.18
CA SER A 12 -17.36 -14.14 -29.35
C SER A 12 -17.44 -15.68 -29.29
N VAL A 13 -17.22 -16.23 -28.10
CA VAL A 13 -17.13 -17.68 -27.92
C VAL A 13 -18.20 -18.21 -26.97
N SER A 14 -18.88 -19.27 -27.39
CA SER A 14 -19.81 -20.00 -26.54
C SER A 14 -19.06 -20.76 -25.44
N LEU A 15 -19.69 -20.88 -24.27
CA LEU A 15 -19.10 -21.60 -23.14
C LEU A 15 -18.80 -23.05 -23.51
N GLY A 16 -17.61 -23.52 -23.14
CA GLY A 16 -17.17 -24.86 -23.46
C GLY A 16 -16.49 -25.00 -24.81
N ASP A 17 -16.71 -24.03 -25.69
CA ASP A 17 -16.11 -24.03 -27.03
C ASP A 17 -14.65 -23.60 -27.04
N GLN A 18 -13.98 -23.88 -28.14
CA GLN A 18 -12.59 -23.60 -28.26
C GLN A 18 -12.40 -22.24 -28.83
N ALA A 19 -11.30 -21.63 -28.50
CA ALA A 19 -10.92 -20.35 -29.11
C ALA A 19 -9.42 -20.28 -29.35
N SER A 20 -9.04 -19.81 -30.52
CA SER A 20 -7.65 -19.58 -30.89
C SER A 20 -7.39 -18.10 -31.12
N ILE A 21 -6.27 -17.62 -30.58
CA ILE A 21 -5.83 -16.25 -30.80
C ILE A 21 -4.43 -16.23 -31.41
N SER A 22 -4.33 -15.61 -32.58
CA SER A 22 -3.09 -15.55 -33.33
C SER A 22 -2.23 -14.35 -32.93
N CYS A 23 -0.92 -14.52 -32.97
CA CYS A 23 0.02 -13.42 -32.76
C CYS A 23 1.22 -13.61 -33.69
N ARG A 24 1.40 -12.64 -34.58
CA ARG A 24 2.48 -12.69 -35.56
C ARG A 24 3.51 -11.59 -35.33
N SER A 25 4.77 -11.94 -35.57
CA SER A 25 5.91 -11.08 -35.30
C SER A 25 6.53 -10.61 -36.62
N SER A 26 7.00 -9.36 -36.64
CA SER A 26 7.64 -8.78 -37.83
C SER A 26 9.12 -9.19 -37.93
N GLN A 27 9.72 -9.52 -36.80
CA GLN A 27 11.05 -10.11 -36.74
C GLN A 27 10.93 -11.43 -35.99
N SER A 28 11.93 -12.29 -36.11
CA SER A 28 11.95 -13.56 -35.38
C SER A 28 12.12 -13.32 -33.88
N LEU A 29 11.37 -14.07 -33.08
CA LEU A 29 11.42 -13.91 -31.63
C LEU A 29 12.37 -14.89 -30.93
N VAL A 30 13.14 -15.64 -31.71
CA VAL A 30 14.20 -16.49 -31.16
C VAL A 30 15.42 -15.64 -30.78
N HIS A 31 15.72 -15.63 -29.48
CA HIS A 31 16.91 -14.97 -28.95
C HIS A 31 18.15 -15.78 -29.33
N SER A 32 19.33 -15.20 -29.10
CA SER A 32 20.60 -15.89 -29.33
C SER A 32 20.87 -17.05 -28.36
N ASN A 33 20.04 -17.19 -27.32
CA ASN A 33 20.40 -18.01 -26.15
C ASN A 33 19.83 -19.45 -25.90
N GLY A 34 19.00 -20.04 -26.76
CA GLY A 34 18.31 -19.41 -27.87
C GLY A 34 16.83 -19.68 -27.63
N ASN A 35 16.32 -19.07 -26.55
CA ASN A 35 14.92 -19.16 -26.16
C ASN A 35 14.06 -18.25 -27.02
N THR A 36 12.75 -18.51 -27.01
CA THR A 36 11.79 -17.63 -27.67
C THR A 36 10.92 -16.99 -26.59
N PHE A 37 11.05 -15.67 -26.46
CA PHE A 37 10.38 -14.92 -25.40
C PHE A 37 9.06 -14.30 -25.86
N LEU A 38 8.05 -15.14 -26.05
CA LEU A 38 6.70 -14.66 -26.30
C LEU A 38 5.78 -15.05 -25.14
N GLN A 39 5.14 -14.03 -24.57
CA GLN A 39 4.27 -14.19 -23.41
C GLN A 39 2.84 -13.83 -23.76
N TRP A 40 1.90 -14.48 -23.09
CA TRP A 40 0.49 -14.17 -23.22
C TRP A 40 -0.06 -13.68 -21.88
N TYR A 41 -0.90 -12.65 -21.94
CA TYR A 41 -1.53 -12.07 -20.77
C TYR A 41 -3.02 -11.96 -21.01
N LEU A 42 -3.78 -12.08 -19.92
CA LEU A 42 -5.20 -11.75 -19.89
C LEU A 42 -5.38 -10.52 -19.02
N GLN A 43 -5.99 -9.48 -19.56
CA GLN A 43 -6.42 -8.36 -18.75
C GLN A 43 -7.94 -8.39 -18.58
N LYS A 44 -8.38 -8.75 -17.37
CA LYS A 44 -9.80 -8.77 -17.04
C LYS A 44 -10.29 -7.35 -16.80
N PRO A 45 -11.60 -7.10 -17.03
CA PRO A 45 -12.20 -5.78 -16.79
C PRO A 45 -11.93 -5.23 -15.39
N GLY A 46 -11.38 -4.01 -15.35
CA GLY A 46 -11.02 -3.35 -14.09
C GLY A 46 -9.84 -3.94 -13.35
N GLN A 47 -9.05 -4.76 -14.04
CA GLN A 47 -7.89 -5.44 -13.44
C GLN A 47 -6.62 -5.19 -14.25
N SER A 48 -5.48 -5.50 -13.65
CA SER A 48 -4.22 -5.44 -14.37
C SER A 48 -3.97 -6.78 -15.07
N PRO A 49 -3.14 -6.77 -16.14
CA PRO A 49 -2.78 -8.01 -16.84
C PRO A 49 -2.26 -9.13 -15.92
N LYS A 50 -2.60 -10.36 -16.28
CA LYS A 50 -2.15 -11.58 -15.59
C LYS A 50 -1.45 -12.47 -16.59
N LEU A 51 -0.26 -12.95 -16.22
CA LEU A 51 0.52 -13.85 -17.08
C LEU A 51 -0.12 -15.22 -17.17
N LEU A 52 -0.35 -15.67 -18.41
CA LEU A 52 -0.92 -16.98 -18.67
C LEU A 52 0.15 -17.95 -19.15
N ILE A 53 0.87 -17.53 -20.19
CA ILE A 53 1.80 -18.38 -20.91
C ILE A 53 3.10 -17.61 -21.11
N TYR A 54 4.21 -18.22 -20.73
CA TYR A 54 5.51 -17.59 -20.94
C TYR A 54 6.45 -18.45 -21.79
N LYS A 55 7.37 -17.78 -22.49
CA LYS A 55 8.27 -18.40 -23.46
C LYS A 55 7.56 -19.39 -24.38
N VAL A 56 6.55 -18.86 -25.08
CA VAL A 56 5.73 -19.59 -26.07
C VAL A 56 4.73 -20.57 -25.46
N SER A 57 5.18 -21.42 -24.55
CA SER A 57 4.44 -22.63 -24.22
C SER A 57 4.35 -23.00 -22.73
N ASN A 58 5.09 -22.30 -21.88
CA ASN A 58 5.10 -22.59 -20.45
C ASN A 58 3.93 -21.93 -19.73
N ARG A 59 3.19 -22.72 -19.00
CA ARG A 59 1.99 -22.33 -18.31
C ARG A 59 2.33 -22.08 -16.83
N PHE A 60 1.87 -20.94 -16.31
CA PHE A 60 2.52 -20.14 -15.28
C PHE A 60 1.82 -20.63 -14.04
N SER A 61 2.49 -20.70 -12.89
CA SER A 61 1.87 -21.15 -11.64
C SER A 61 0.47 -20.54 -11.43
N GLY A 62 -0.53 -21.42 -11.28
CA GLY A 62 -1.91 -21.01 -11.03
C GLY A 62 -2.85 -21.03 -12.23
N VAL A 63 -2.29 -20.98 -13.43
CA VAL A 63 -3.08 -20.91 -14.66
C VAL A 63 -3.71 -22.27 -15.01
N PRO A 64 -5.05 -22.31 -15.21
CA PRO A 64 -5.79 -23.54 -15.54
C PRO A 64 -5.24 -24.27 -16.76
N ASP A 65 -5.45 -25.58 -16.80
CA ASP A 65 -4.98 -26.44 -17.90
C ASP A 65 -5.58 -26.07 -19.25
N ARG A 66 -6.68 -25.34 -19.21
CA ARG A 66 -7.44 -24.94 -20.39
C ARG A 66 -6.67 -24.00 -21.32
N PHE A 67 -5.68 -23.31 -20.77
CA PHE A 67 -4.85 -22.38 -21.53
C PHE A 67 -3.57 -23.05 -22.04
N SER A 68 -3.28 -22.85 -23.33
CA SER A 68 -2.07 -23.41 -23.93
C SER A 68 -1.48 -22.49 -24.99
N GLY A 69 -0.16 -22.57 -25.14
CA GLY A 69 0.53 -21.80 -26.17
C GLY A 69 1.32 -22.72 -27.09
N SER A 70 1.44 -22.29 -28.35
CA SER A 70 2.32 -22.95 -29.31
C SER A 70 2.83 -21.94 -30.33
N GLY A 71 3.73 -22.39 -31.19
CA GLY A 71 4.27 -21.58 -32.26
C GLY A 71 5.78 -21.53 -32.22
N SER A 72 6.37 -20.95 -33.26
CA SER A 72 7.81 -20.78 -33.32
C SER A 72 8.20 -19.61 -34.21
N GLY A 73 9.33 -18.99 -33.88
CA GLY A 73 9.94 -17.95 -34.69
C GLY A 73 9.14 -16.66 -34.77
N THR A 74 8.05 -16.69 -35.54
CA THR A 74 7.34 -15.49 -35.96
C THR A 74 5.82 -15.62 -35.83
N ASP A 75 5.37 -16.86 -35.62
CA ASP A 75 3.94 -17.19 -35.66
C ASP A 75 3.58 -17.95 -34.38
N PHE A 76 2.64 -17.40 -33.63
CA PHE A 76 2.31 -17.87 -32.28
C PHE A 76 0.80 -17.90 -32.02
N THR A 77 0.36 -18.89 -31.24
CA THR A 77 -1.06 -19.11 -31.00
C THR A 77 -1.35 -19.41 -29.53
N LEU A 78 -2.29 -18.66 -28.96
CA LEU A 78 -2.88 -18.98 -27.67
C LEU A 78 -4.18 -19.71 -27.89
N LYS A 79 -4.36 -20.78 -27.16
CA LYS A 79 -5.54 -21.54 -27.24
C LYS A 79 -6.22 -21.66 -25.89
N ILE A 80 -7.52 -21.48 -25.89
CA ILE A 80 -8.36 -21.80 -24.75
C ILE A 80 -9.22 -22.98 -25.20
N SER A 81 -9.02 -24.13 -24.58
CA SER A 81 -9.63 -25.38 -25.02
C SER A 81 -11.13 -25.44 -24.73
N ARG A 82 -11.52 -25.01 -23.54
CA ARG A 82 -12.93 -24.92 -23.15
C ARG A 82 -13.17 -23.55 -22.53
N MET A 83 -14.06 -22.78 -23.15
CA MET A 83 -14.34 -21.41 -22.70
C MET A 83 -15.17 -21.42 -21.43
N GLU A 84 -14.69 -20.71 -20.41
CA GLU A 84 -15.43 -20.54 -19.17
C GLU A 84 -15.81 -19.07 -18.99
N ALA A 85 -16.77 -18.81 -18.10
CA ALA A 85 -17.32 -17.48 -17.91
C ALA A 85 -16.27 -16.46 -17.47
N GLU A 86 -15.33 -16.91 -16.64
CA GLU A 86 -14.28 -16.05 -16.08
C GLU A 86 -13.14 -15.71 -17.06
N ASP A 87 -13.19 -16.28 -18.26
CA ASP A 87 -12.12 -16.06 -19.25
C ASP A 87 -12.35 -14.81 -20.10
N LEU A 88 -13.36 -14.03 -19.74
CA LEU A 88 -13.63 -12.72 -20.31
C LEU A 88 -12.48 -11.74 -20.13
N GLY A 89 -12.28 -10.88 -21.13
CA GLY A 89 -11.28 -9.82 -21.06
C GLY A 89 -10.50 -9.64 -22.34
N ILE A 90 -9.39 -8.92 -22.24
CA ILE A 90 -8.54 -8.67 -23.41
C ILE A 90 -7.21 -9.43 -23.30
N TYR A 91 -6.92 -10.22 -24.32
CA TYR A 91 -5.70 -11.01 -24.39
C TYR A 91 -4.64 -10.25 -25.18
N PHE A 92 -3.41 -10.23 -24.64
CA PHE A 92 -2.27 -9.54 -25.27
C PHE A 92 -1.06 -10.45 -25.36
N CYS A 93 -0.36 -10.41 -26.49
CA CYS A 93 1.00 -10.97 -26.59
C CYS A 93 2.10 -9.91 -26.34
N SER A 94 3.20 -10.35 -25.70
CA SER A 94 4.45 -9.59 -25.45
C SER A 94 5.42 -10.58 -26.09
N GLN A 95 6.20 -10.21 -27.11
CA GLN A 95 7.68 -9.96 -27.08
C GLN A 95 8.58 -9.12 -26.14
N THR A 96 9.56 -9.84 -25.60
CA THR A 96 10.63 -9.31 -24.76
C THR A 96 12.02 -9.79 -25.25
N THR A 97 12.06 -10.35 -26.45
CA THR A 97 13.33 -10.82 -27.01
C THR A 97 14.12 -9.71 -27.71
N HIS A 98 13.41 -8.68 -28.17
CA HIS A 98 14.03 -7.51 -28.81
C HIS A 98 13.59 -6.22 -28.12
N VAL A 99 14.55 -5.33 -27.88
CA VAL A 99 14.29 -3.99 -27.38
C VAL A 99 14.11 -3.07 -28.60
N PRO A 100 13.07 -2.21 -28.60
CA PRO A 100 12.05 -2.03 -27.54
C PRO A 100 11.06 -3.19 -27.44
N TRP A 101 10.69 -3.52 -26.21
CA TRP A 101 9.67 -4.53 -25.95
C TRP A 101 8.31 -4.01 -26.43
N THR A 102 7.62 -4.85 -27.21
CA THR A 102 6.38 -4.44 -27.87
C THR A 102 5.27 -5.42 -27.59
N PHE A 103 4.03 -4.96 -27.70
CA PHE A 103 2.85 -5.77 -27.44
C PHE A 103 1.98 -5.89 -28.69
N GLY A 104 1.14 -6.92 -28.73
CA GLY A 104 0.05 -6.99 -29.71
C GLY A 104 -1.05 -6.02 -29.32
N GLY A 105 -1.92 -5.69 -30.30
CA GLY A 105 -3.00 -4.72 -30.09
C GLY A 105 -4.12 -5.20 -29.17
N GLY A 106 -4.20 -6.52 -28.98
CA GLY A 106 -5.21 -7.11 -28.10
C GLY A 106 -6.29 -7.85 -28.85
N THR A 107 -6.88 -8.82 -28.16
CA THR A 107 -8.04 -9.55 -28.65
C THR A 107 -9.08 -9.52 -27.55
N LYS A 108 -10.18 -8.80 -27.79
CA LYS A 108 -11.28 -8.80 -26.84
C LYS A 108 -12.08 -10.08 -27.01
N LEU A 109 -12.06 -10.91 -25.97
CA LEU A 109 -12.80 -12.14 -25.98
C LEU A 109 -14.11 -11.93 -25.23
N GLU A 110 -15.21 -12.12 -25.94
CA GLU A 110 -16.53 -11.98 -25.35
C GLU A 110 -17.18 -13.36 -25.34
N ILE A 111 -18.05 -13.60 -24.36
CA ILE A 111 -18.74 -14.88 -24.28
C ILE A 111 -20.12 -14.81 -24.89
N LYS A 112 -20.39 -15.75 -25.80
CA LYS A 112 -21.67 -15.90 -26.45
C LYS A 112 -22.52 -16.87 -25.65
N ARG A 113 -23.58 -16.35 -25.04
CA ARG A 113 -24.48 -17.15 -24.21
C ARG A 113 -25.91 -17.05 -24.74
N ALA A 114 -26.83 -17.79 -24.10
CA ALA A 114 -28.24 -17.75 -24.45
C ALA A 114 -28.83 -16.37 -24.18
N ASP A 115 -29.83 -15.98 -24.97
CA ASP A 115 -30.48 -14.68 -24.83
C ASP A 115 -31.06 -14.49 -23.42
N ALA A 116 -30.98 -13.26 -22.93
CA ALA A 116 -31.52 -12.90 -21.63
C ALA A 116 -32.17 -11.53 -21.69
N ALA A 117 -33.40 -11.45 -21.15
CA ALA A 117 -34.13 -10.19 -21.08
C ALA A 117 -33.67 -9.37 -19.87
N PRO A 118 -33.60 -8.04 -20.02
CA PRO A 118 -33.20 -7.17 -18.90
C PRO A 118 -34.23 -7.09 -17.78
N THR A 119 -33.73 -6.90 -16.55
CA THR A 119 -34.57 -6.54 -15.41
C THR A 119 -34.42 -5.04 -15.18
N VAL A 120 -35.52 -4.32 -15.30
CA VAL A 120 -35.49 -2.85 -15.29
C VAL A 120 -35.91 -2.28 -13.94
N SER A 121 -35.14 -1.31 -13.47
CA SER A 121 -35.44 -0.57 -12.25
C SER A 121 -35.34 0.91 -12.54
N ILE A 122 -36.28 1.68 -11.99
CA ILE A 122 -36.22 3.13 -12.07
C ILE A 122 -36.02 3.71 -10.67
N PHE A 123 -35.20 4.75 -10.58
CA PHE A 123 -34.89 5.41 -9.31
C PHE A 123 -35.14 6.90 -9.42
N PRO A 124 -36.10 7.43 -8.63
CA PRO A 124 -36.29 8.88 -8.49
C PRO A 124 -35.03 9.57 -7.97
N PRO A 125 -34.88 10.88 -8.22
CA PRO A 125 -33.78 11.66 -7.62
C PRO A 125 -33.81 11.60 -6.10
N SER A 126 -32.63 11.60 -5.48
CA SER A 126 -32.52 11.57 -4.03
C SER A 126 -32.80 12.96 -3.43
N SER A 127 -33.25 12.96 -2.18
CA SER A 127 -33.46 14.20 -1.43
C SER A 127 -32.19 15.05 -1.31
N GLU A 128 -31.05 14.38 -1.16
CA GLU A 128 -29.75 15.07 -1.04
C GLU A 128 -29.32 15.79 -2.32
N GLN A 129 -29.66 15.22 -3.48
CA GLN A 129 -29.43 15.89 -4.76
C GLN A 129 -30.41 17.05 -4.98
N LEU A 130 -31.69 16.81 -4.67
CA LEU A 130 -32.73 17.85 -4.80
C LEU A 130 -32.46 19.08 -3.95
N THR A 131 -31.78 18.87 -2.82
CA THR A 131 -31.38 19.93 -1.89
C THR A 131 -30.34 20.87 -2.52
N SER A 132 -29.54 20.34 -3.44
CA SER A 132 -28.46 21.10 -4.07
C SER A 132 -28.81 21.64 -5.48
N GLY A 133 -30.07 21.48 -5.86
CA GLY A 133 -30.58 22.06 -7.11
C GLY A 133 -30.56 21.17 -8.34
N GLY A 134 -30.25 19.89 -8.14
CA GLY A 134 -30.16 18.93 -9.25
C GLY A 134 -31.11 17.77 -9.09
N ALA A 135 -31.43 17.10 -10.20
CA ALA A 135 -32.33 15.96 -10.19
C ALA A 135 -32.00 14.94 -11.28
N SER A 136 -31.44 13.82 -10.86
CA SER A 136 -31.09 12.74 -11.76
C SER A 136 -32.06 11.58 -11.56
N VAL A 137 -32.74 11.19 -12.63
CA VAL A 137 -33.59 10.03 -12.63
C VAL A 137 -32.81 8.91 -13.30
N VAL A 138 -32.57 7.82 -12.58
CA VAL A 138 -31.71 6.75 -13.06
C VAL A 138 -32.51 5.50 -13.40
N CYS A 139 -32.12 4.87 -14.51
CA CYS A 139 -32.77 3.64 -14.91
C CYS A 139 -31.86 2.72 -15.72
N PHE A 140 -32.03 1.41 -15.56
CA PHE A 140 -31.08 0.51 -14.91
C PHE A 140 -31.54 -0.85 -15.36
N LEU A 141 -30.86 -1.32 -16.39
CA LEU A 141 -31.26 -2.47 -17.15
C LEU A 141 -30.25 -3.53 -16.79
N ASN A 142 -30.70 -4.56 -16.09
CA ASN A 142 -29.79 -5.54 -15.50
C ASN A 142 -29.87 -6.90 -16.20
N ASN A 143 -28.69 -7.46 -16.48
CA ASN A 143 -28.50 -8.83 -16.96
C ASN A 143 -29.21 -9.26 -18.27
N PHE A 144 -29.21 -8.37 -19.29
CA PHE A 144 -29.50 -8.80 -20.68
C PHE A 144 -28.24 -9.60 -21.11
N TYR A 145 -28.35 -10.62 -21.96
CA TYR A 145 -27.80 -10.65 -23.33
C TYR A 145 -28.70 -10.70 -24.58
N PRO A 146 -28.24 -10.10 -25.71
CA PRO A 146 -26.94 -9.45 -26.01
C PRO A 146 -26.82 -7.98 -25.60
N LYS A 147 -25.67 -7.37 -25.91
CA LYS A 147 -25.33 -6.00 -25.49
C LYS A 147 -26.22 -4.90 -26.09
N ASP A 148 -26.71 -5.13 -27.32
CA ASP A 148 -27.55 -4.15 -28.02
C ASP A 148 -28.88 -3.92 -27.32
N ILE A 149 -29.08 -2.68 -26.85
CA ILE A 149 -30.30 -2.29 -26.13
C ILE A 149 -30.63 -0.82 -26.39
N ASN A 150 -31.92 -0.48 -26.40
CA ASN A 150 -32.38 0.89 -26.57
C ASN A 150 -33.20 1.36 -25.36
N VAL A 151 -32.95 2.58 -24.91
CA VAL A 151 -33.73 3.17 -23.83
C VAL A 151 -34.41 4.43 -24.33
N LYS A 152 -35.70 4.59 -24.02
CA LYS A 152 -36.44 5.81 -24.30
C LYS A 152 -37.02 6.40 -23.01
N TRP A 153 -36.80 7.71 -22.83
CA TRP A 153 -37.30 8.44 -21.67
C TRP A 153 -38.53 9.26 -22.02
N LYS A 154 -39.53 9.19 -21.14
CA LYS A 154 -40.76 9.96 -21.30
C LYS A 154 -41.07 10.77 -20.04
N ILE A 155 -41.28 12.07 -20.23
CA ILE A 155 -41.72 12.96 -19.15
C ILE A 155 -43.15 13.40 -19.44
N ASP A 156 -44.07 13.00 -18.57
CA ASP A 156 -45.51 13.22 -18.76
C ASP A 156 -46.02 12.65 -20.09
N GLY A 157 -45.46 11.52 -20.50
CA GLY A 157 -45.87 10.84 -21.73
C GLY A 157 -45.28 11.44 -22.99
N SER A 158 -44.38 12.40 -22.84
CA SER A 158 -43.69 13.02 -23.96
C SER A 158 -42.21 12.68 -23.92
N GLU A 159 -41.66 12.31 -25.07
CA GLU A 159 -40.27 11.87 -25.17
C GLU A 159 -39.26 12.97 -24.85
N ARG A 160 -38.25 12.61 -24.06
CA ARG A 160 -37.15 13.49 -23.73
C ARG A 160 -35.83 12.83 -24.14
N GLN A 161 -34.95 13.60 -24.79
CA GLN A 161 -33.65 13.11 -25.25
C GLN A 161 -32.50 13.95 -24.71
N ASN A 162 -32.79 15.19 -24.33
CA ASN A 162 -31.83 16.11 -23.74
C ASN A 162 -31.48 15.73 -22.30
N GLY A 163 -30.18 15.71 -21.99
CA GLY A 163 -29.69 15.44 -20.64
C GLY A 163 -29.63 13.96 -20.27
N VAL A 164 -29.56 13.10 -21.28
CA VAL A 164 -29.48 11.66 -21.06
C VAL A 164 -28.05 11.12 -21.29
N LEU A 165 -27.49 10.49 -20.27
CA LEU A 165 -26.20 9.82 -20.37
C LEU A 165 -26.34 8.33 -20.15
N ASN A 166 -25.86 7.56 -21.13
CA ASN A 166 -25.93 6.10 -21.09
C ASN A 166 -24.56 5.49 -20.85
N SER A 167 -24.53 4.41 -20.09
CA SER A 167 -23.28 3.73 -19.77
C SER A 167 -23.53 2.25 -19.46
N TRP A 168 -22.65 1.40 -20.00
CA TRP A 168 -22.73 -0.04 -19.85
C TRP A 168 -21.70 -0.54 -18.85
N THR A 169 -21.99 -1.65 -18.23
CA THR A 169 -20.98 -2.45 -17.64
C THR A 169 -20.29 -3.31 -18.64
N ASP A 170 -19.11 -3.75 -18.25
CA ASP A 170 -18.45 -4.88 -18.83
C ASP A 170 -19.17 -6.17 -18.56
N GLN A 171 -19.10 -7.11 -19.49
CA GLN A 171 -19.77 -8.37 -19.36
C GLN A 171 -19.43 -9.05 -18.06
N ASP A 172 -20.40 -9.73 -17.47
CA ASP A 172 -20.23 -10.29 -16.14
C ASP A 172 -19.42 -11.58 -16.14
N SER A 173 -18.58 -11.74 -15.11
CA SER A 173 -17.66 -12.88 -14.99
C SER A 173 -18.32 -14.20 -14.65
N LYS A 174 -19.54 -14.17 -14.09
CA LYS A 174 -20.23 -15.40 -13.69
C LYS A 174 -21.44 -15.80 -14.54
N ASP A 175 -22.27 -14.83 -14.95
CA ASP A 175 -23.46 -15.17 -15.75
C ASP A 175 -23.37 -14.74 -17.22
N SER A 176 -22.32 -13.99 -17.55
CA SER A 176 -22.03 -13.55 -18.93
C SER A 176 -23.03 -12.53 -19.50
N THR A 177 -23.64 -11.74 -18.61
CA THR A 177 -24.61 -10.74 -19.02
C THR A 177 -24.06 -9.32 -18.98
N TYR A 178 -24.80 -8.41 -19.60
CA TYR A 178 -24.48 -6.98 -19.59
C TYR A 178 -25.50 -6.23 -18.75
N SER A 179 -25.09 -5.06 -18.29
CA SER A 179 -25.98 -4.11 -17.63
C SER A 179 -25.71 -2.74 -18.21
N MET A 180 -26.68 -1.84 -18.10
CA MET A 180 -26.48 -0.45 -18.48
C MET A 180 -27.39 0.51 -17.69
N SER A 181 -26.89 1.70 -17.42
CA SER A 181 -27.66 2.72 -16.75
C SER A 181 -27.93 3.88 -17.69
N SER A 182 -29.18 4.33 -17.70
CA SER A 182 -29.55 5.53 -18.44
C SER A 182 -29.94 6.55 -17.39
N THR A 183 -29.32 7.73 -17.45
CA THR A 183 -29.56 8.78 -16.47
C THR A 183 -30.05 10.06 -17.12
N LEU A 184 -31.28 10.43 -16.80
CA LEU A 184 -31.87 11.71 -17.19
C LEU A 184 -31.59 12.71 -16.08
N THR A 185 -30.85 13.77 -16.39
CA THR A 185 -30.50 14.78 -15.41
C THR A 185 -31.18 16.12 -15.70
N LEU A 186 -31.92 16.62 -14.70
CA LEU A 186 -32.64 17.88 -14.80
C LEU A 186 -32.25 18.77 -13.62
N THR A 187 -32.80 19.97 -13.59
CA THR A 187 -32.73 20.81 -12.38
C THR A 187 -33.90 20.47 -11.47
N LYS A 188 -33.78 20.85 -10.20
CA LYS A 188 -34.87 20.68 -9.23
C LYS A 188 -36.14 21.33 -9.78
N ASP A 189 -36.04 22.61 -10.16
CA ASP A 189 -37.15 23.37 -10.73
C ASP A 189 -37.86 22.65 -11.88
N GLU A 190 -37.08 22.12 -12.83
CA GLU A 190 -37.61 21.40 -13.98
C GLU A 190 -38.21 20.05 -13.59
N TYR A 191 -37.57 19.36 -12.65
CA TYR A 191 -38.09 18.09 -12.13
C TYR A 191 -39.41 18.27 -11.39
N GLU A 192 -39.51 19.33 -10.58
CA GLU A 192 -40.72 19.63 -9.81
C GLU A 192 -41.87 20.11 -10.70
N ARG A 193 -41.55 20.51 -11.93
CA ARG A 193 -42.55 20.93 -12.91
C ARG A 193 -43.42 19.79 -13.43
N HIS A 194 -42.84 18.59 -13.51
CA HIS A 194 -43.52 17.45 -14.11
C HIS A 194 -43.82 16.32 -13.13
N ASN A 195 -44.70 15.42 -13.53
CA ASN A 195 -45.16 14.34 -12.65
C ASN A 195 -44.68 12.96 -13.07
N SER A 196 -45.11 12.49 -14.24
CA SER A 196 -44.80 11.14 -14.71
C SER A 196 -43.38 11.05 -15.30
N TYR A 197 -42.62 10.05 -14.85
CA TYR A 197 -41.28 9.79 -15.37
C TYR A 197 -41.13 8.33 -15.75
N THR A 198 -40.88 8.10 -17.04
CA THR A 198 -40.97 6.78 -17.64
C THR A 198 -39.69 6.42 -18.40
N CYS A 199 -39.17 5.21 -18.17
CA CYS A 199 -38.12 4.64 -19.00
C CYS A 199 -38.55 3.29 -19.60
N GLU A 200 -38.11 3.01 -20.83
CA GLU A 200 -38.46 1.75 -21.49
C GLU A 200 -37.33 1.15 -22.34
N ALA A 201 -37.12 -0.13 -22.10
CA ALA A 201 -36.10 -0.92 -22.71
C ALA A 201 -36.76 -1.74 -23.78
N THR A 202 -36.24 -1.58 -24.97
CA THR A 202 -36.43 -2.55 -25.95
C THR A 202 -35.15 -3.21 -26.30
N HIS A 203 -35.26 -4.48 -26.53
CA HIS A 203 -34.20 -5.41 -26.44
C HIS A 203 -34.76 -6.43 -27.36
N LYS A 204 -33.96 -7.37 -27.81
CA LYS A 204 -34.35 -8.20 -28.90
C LYS A 204 -35.06 -9.40 -28.39
N THR A 205 -35.03 -9.58 -27.10
CA THR A 205 -35.75 -10.69 -26.47
C THR A 205 -37.27 -10.46 -26.51
N SER A 206 -37.66 -9.19 -26.64
CA SER A 206 -39.07 -8.82 -26.71
C SER A 206 -39.27 -7.61 -27.61
N THR A 207 -40.25 -7.70 -28.52
CA THR A 207 -40.63 -6.56 -29.36
C THR A 207 -41.38 -5.51 -28.54
N SER A 208 -41.88 -5.92 -27.38
CA SER A 208 -42.58 -5.02 -26.48
C SER A 208 -41.64 -4.49 -25.41
N PRO A 209 -41.66 -3.16 -25.16
CA PRO A 209 -40.75 -2.58 -24.20
C PRO A 209 -41.11 -2.95 -22.77
N ILE A 210 -40.10 -3.20 -21.94
CA ILE A 210 -40.30 -3.29 -20.50
C ILE A 210 -40.35 -1.86 -19.99
N VAL A 211 -41.51 -1.47 -19.47
CA VAL A 211 -41.75 -0.09 -19.04
C VAL A 211 -41.77 0.02 -17.52
N LYS A 212 -41.04 1.00 -17.00
CA LYS A 212 -41.04 1.32 -15.57
C LYS A 212 -41.26 2.82 -15.35
N SER A 213 -42.19 3.15 -14.46
CA SER A 213 -42.57 4.53 -14.19
C SER A 213 -42.82 4.79 -12.71
N PHE A 214 -42.52 6.01 -12.29
CA PHE A 214 -43.00 6.53 -11.02
C PHE A 214 -43.66 7.88 -11.30
N ASN A 215 -44.48 8.35 -10.36
CA ASN A 215 -45.22 9.59 -10.55
C ASN A 215 -44.76 10.76 -9.69
N ARG A 216 -44.36 10.49 -8.44
CA ARG A 216 -44.11 11.54 -7.42
C ARG A 216 -45.38 12.31 -7.05
N ASN A 217 -45.40 13.06 -6.06
N GLN B 1 4.67 -14.77 -1.51
CA GLN B 1 3.80 -13.56 -1.50
C GLN B 1 4.42 -12.41 -2.31
N ILE B 2 4.48 -12.59 -3.64
CA ILE B 2 4.96 -11.54 -4.55
C ILE B 2 3.90 -10.47 -4.72
N THR B 3 4.24 -9.23 -4.44
CA THR B 3 3.33 -8.10 -4.67
C THR B 3 4.06 -6.84 -5.14
N LEU B 4 3.37 -6.03 -5.94
CA LEU B 4 3.88 -4.76 -6.45
C LEU B 4 2.79 -3.71 -6.36
N GLU B 5 3.18 -2.50 -5.95
CA GLU B 5 2.23 -1.41 -5.77
C GLU B 5 2.84 -0.10 -6.22
N GLU B 6 2.17 0.56 -7.14
CA GLU B 6 2.65 1.84 -7.65
C GLU B 6 1.90 3.03 -7.05
N SER B 7 2.58 4.17 -7.03
CA SER B 7 2.00 5.40 -6.51
C SER B 7 2.43 6.60 -7.34
N GLY B 8 1.47 7.48 -7.61
CA GLY B 8 1.71 8.70 -8.35
C GLY B 8 0.79 9.80 -7.86
N PRO B 9 0.88 11.00 -8.46
CA PRO B 9 0.08 12.14 -8.01
C PRO B 9 -1.42 12.03 -8.35
N GLY B 10 -1.74 11.24 -9.37
CA GLY B 10 -3.11 11.11 -9.86
C GLY B 10 -3.42 12.16 -10.94
N ILE B 11 -3.02 13.40 -10.66
CA ILE B 11 -3.15 14.51 -11.60
C ILE B 11 -1.85 15.31 -11.65
N LEU B 12 -1.53 15.83 -12.84
CA LEU B 12 -0.34 16.64 -13.02
C LEU B 12 -0.57 17.65 -14.15
N GLN B 13 -0.08 18.87 -13.97
CA GLN B 13 -0.15 19.91 -14.99
C GLN B 13 0.84 19.64 -16.13
N PRO B 14 0.50 20.06 -17.37
CA PRO B 14 1.41 19.95 -18.51
C PRO B 14 2.76 20.64 -18.27
N SER B 15 3.83 20.02 -18.79
CA SER B 15 5.22 20.49 -18.72
C SER B 15 5.97 20.15 -17.44
N GLN B 16 5.27 19.73 -16.39
CA GLN B 16 5.99 19.34 -15.17
C GLN B 16 6.34 17.85 -15.10
N THR B 17 7.23 17.51 -14.18
CA THR B 17 7.85 16.18 -14.14
C THR B 17 7.01 15.17 -13.37
N LEU B 18 6.77 14.01 -13.98
CA LEU B 18 6.04 12.93 -13.34
C LEU B 18 6.98 12.05 -12.54
N SER B 19 6.63 11.82 -11.29
CA SER B 19 7.40 10.98 -10.39
C SER B 19 6.56 9.82 -9.89
N LEU B 20 6.91 8.62 -10.34
CA LEU B 20 6.21 7.39 -9.97
C LEU B 20 7.12 6.50 -9.12
N THR B 21 6.52 5.84 -8.14
CA THR B 21 7.25 4.89 -7.30
C THR B 21 6.61 3.50 -7.42
N CYS B 22 7.45 2.48 -7.46
CA CYS B 22 6.97 1.10 -7.38
C CYS B 22 7.49 0.46 -6.10
N SER B 23 6.58 0.20 -5.18
CA SER B 23 6.91 -0.48 -3.93
C SER B 23 6.54 -1.96 -4.08
N PHE B 24 7.46 -2.83 -3.66
CA PHE B 24 7.25 -4.27 -3.79
C PHE B 24 7.74 -5.10 -2.61
N SER B 25 7.26 -6.34 -2.54
CA SER B 25 7.67 -7.31 -1.54
C SER B 25 7.54 -8.72 -2.14
N GLY B 26 8.17 -9.70 -1.48
CA GLY B 26 8.14 -11.08 -1.94
C GLY B 26 9.35 -11.47 -2.79
N PHE B 27 10.00 -10.45 -3.34
CA PHE B 27 11.26 -10.62 -4.05
C PHE B 27 12.18 -9.44 -3.78
N SER B 28 13.43 -9.57 -4.19
CA SER B 28 14.41 -8.51 -4.06
C SER B 28 15.09 -8.24 -5.40
N LEU B 29 15.37 -6.99 -5.70
CA LEU B 29 16.29 -6.68 -6.76
C LEU B 29 17.62 -6.70 -6.09
N SER B 30 18.69 -6.58 -6.82
CA SER B 30 19.93 -7.00 -6.20
C SER B 30 20.02 -8.51 -5.97
N SER B 31 18.88 -9.15 -6.00
CA SER B 31 18.75 -10.55 -6.36
C SER B 31 18.65 -10.77 -7.86
N SER B 32 19.21 -11.85 -8.33
CA SER B 32 19.95 -11.81 -9.54
C SER B 32 19.05 -12.51 -10.51
N ALA B 33 19.02 -12.07 -11.75
CA ALA B 33 17.92 -12.43 -12.61
C ALA B 33 16.74 -11.49 -12.69
N MET B 34 16.77 -10.39 -11.98
CA MET B 34 15.68 -9.87 -11.18
C MET B 34 15.57 -8.47 -11.72
N SER B 35 14.39 -8.13 -12.22
CA SER B 35 14.15 -6.81 -12.80
C SER B 35 12.74 -6.32 -12.49
N VAL B 36 12.58 -5.00 -12.49
CA VAL B 36 11.27 -4.37 -12.42
C VAL B 36 11.13 -3.42 -13.61
N GLY B 37 10.00 -3.49 -14.29
CA GLY B 37 9.73 -2.66 -15.47
C GLY B 37 8.55 -1.72 -15.34
N TRP B 38 8.42 -0.81 -16.30
CA TRP B 38 7.32 0.15 -16.34
C TRP B 38 6.58 0.06 -17.66
N ILE B 39 5.25 0.00 -17.56
CA ILE B 39 4.38 -0.13 -18.71
C ILE B 39 3.23 0.85 -18.53
N ARG B 40 2.75 1.43 -19.63
CA ARG B 40 1.61 2.32 -19.57
C ARG B 40 0.53 1.93 -20.56
N GLN B 41 -0.70 2.27 -20.22
CA GLN B 41 -1.86 2.02 -21.06
C GLN B 41 -2.80 3.24 -21.01
N PRO B 42 -2.88 3.99 -22.12
CA PRO B 42 -3.94 5.00 -22.20
C PRO B 42 -5.32 4.34 -22.31
N SER B 43 -6.35 5.00 -21.78
CA SER B 43 -7.70 4.44 -21.68
C SER B 43 -8.23 3.85 -23.00
N GLY B 44 -8.56 2.56 -22.97
CA GLY B 44 -9.07 1.84 -24.14
C GLY B 44 -8.06 1.64 -25.27
N LYS B 45 -6.78 1.80 -24.95
CA LYS B 45 -5.71 1.71 -25.96
C LYS B 45 -4.67 0.64 -25.63
N GLY B 46 -3.63 0.55 -26.45
CA GLY B 46 -2.62 -0.51 -26.31
C GLY B 46 -1.64 -0.31 -25.17
N LEU B 47 -0.88 -1.36 -24.89
CA LEU B 47 0.16 -1.30 -23.87
C LEU B 47 1.46 -0.75 -24.45
N GLU B 48 2.15 0.08 -23.69
CA GLU B 48 3.43 0.64 -24.13
C GLU B 48 4.50 0.41 -23.08
N TRP B 49 5.51 -0.38 -23.43
CA TRP B 49 6.67 -0.57 -22.55
C TRP B 49 7.44 0.74 -22.47
N LEU B 50 7.85 1.10 -21.27
CA LEU B 50 8.52 2.39 -21.06
C LEU B 50 10.00 2.20 -20.75
N ALA B 51 10.29 1.44 -19.71
CA ALA B 51 11.65 1.20 -19.25
C ALA B 51 11.71 0.02 -18.27
N HIS B 52 12.90 -0.53 -18.08
CA HIS B 52 13.15 -1.43 -16.97
C HIS B 52 14.59 -1.37 -16.46
N ILE B 53 14.74 -1.65 -15.17
CA ILE B 53 16.05 -1.71 -14.53
C ILE B 53 16.30 -3.13 -14.00
N TRP B 54 17.50 -3.64 -14.27
CA TRP B 54 17.93 -4.96 -13.78
C TRP B 54 18.63 -4.85 -12.44
N TRP B 55 18.94 -6.00 -11.84
CA TRP B 55 19.67 -6.08 -10.57
C TRP B 55 21.10 -5.52 -10.65
N ASN B 56 21.66 -5.50 -11.87
CA ASN B 56 23.03 -5.03 -12.09
C ASN B 56 23.12 -3.56 -12.54
N ASP B 57 21.98 -2.86 -12.47
CA ASP B 57 21.83 -1.46 -12.86
C ASP B 57 21.77 -1.19 -14.37
N ASP B 58 21.66 -2.26 -15.15
CA ASP B 58 21.40 -2.15 -16.58
C ASP B 58 19.99 -1.58 -16.78
N LYS B 59 19.92 -0.46 -17.50
CA LYS B 59 18.65 0.23 -17.75
C LYS B 59 18.33 0.19 -19.23
N TYR B 60 17.06 -0.05 -19.54
CA TYR B 60 16.58 -0.14 -20.92
C TYR B 60 15.40 0.80 -21.11
N TYR B 61 15.42 1.57 -22.21
CA TYR B 61 14.41 2.60 -22.45
C TYR B 61 13.72 2.49 -23.81
N ASN B 62 12.44 2.86 -23.84
CA ASN B 62 11.70 3.01 -25.09
C ASN B 62 12.25 4.21 -25.86
N PRO B 63 12.82 3.97 -27.07
CA PRO B 63 13.41 5.02 -27.91
C PRO B 63 12.50 6.22 -28.18
N ALA B 64 11.19 5.97 -28.29
CA ALA B 64 10.21 7.01 -28.59
C ALA B 64 10.03 7.99 -27.42
N LEU B 65 10.55 7.63 -26.26
CA LEU B 65 10.38 8.41 -25.03
C LEU B 65 11.69 8.62 -24.26
N LYS B 66 12.71 7.85 -24.60
CA LYS B 66 13.98 7.74 -23.89
C LYS B 66 14.51 8.98 -23.17
N SER B 67 14.65 10.07 -23.90
CA SER B 67 15.27 11.29 -23.38
C SER B 67 14.43 12.04 -22.34
N ARG B 68 13.17 11.61 -22.18
CA ARG B 68 12.27 12.15 -21.16
C ARG B 68 12.19 11.20 -19.94
N LEU B 69 12.65 9.96 -20.12
CA LEU B 69 12.51 8.92 -19.10
C LEU B 69 13.77 8.73 -18.26
N THR B 70 13.58 8.38 -16.99
CA THR B 70 14.68 8.02 -16.08
C THR B 70 14.23 6.95 -15.08
N VAL B 71 14.69 5.71 -15.27
CA VAL B 71 14.51 4.67 -14.25
C VAL B 71 15.68 4.67 -13.28
N SER B 72 15.37 4.33 -12.03
CA SER B 72 16.36 4.09 -11.01
C SER B 72 15.76 3.12 -10.00
N LYS B 73 16.57 2.69 -9.03
CA LYS B 73 16.09 1.77 -8.01
C LYS B 73 16.66 2.12 -6.64
N ASP B 74 16.01 1.61 -5.60
CA ASP B 74 16.58 1.57 -4.27
C ASP B 74 16.30 0.17 -3.73
N SER B 75 17.23 -0.75 -3.98
CA SER B 75 17.08 -2.17 -3.65
C SER B 75 16.89 -2.42 -2.15
N SER B 76 17.51 -1.59 -1.31
CA SER B 76 17.39 -1.70 0.14
C SER B 76 15.99 -1.33 0.63
N ASP B 77 15.34 -0.41 -0.09
CA ASP B 77 13.98 0.01 0.25
C ASP B 77 12.91 -0.73 -0.56
N ASN B 78 13.35 -1.66 -1.41
CA ASN B 78 12.47 -2.41 -2.32
C ASN B 78 11.60 -1.49 -3.17
N GLN B 79 12.23 -0.50 -3.78
CA GLN B 79 11.52 0.48 -4.57
C GLN B 79 12.19 0.72 -5.92
N VAL B 80 11.36 0.94 -6.93
CA VAL B 80 11.81 1.34 -8.25
C VAL B 80 11.11 2.66 -8.55
N PHE B 81 11.79 3.51 -9.33
CA PHE B 81 11.26 4.83 -9.61
C PHE B 81 11.29 5.09 -11.11
N LEU B 82 10.28 5.82 -11.59
CA LEU B 82 10.29 6.33 -12.96
C LEU B 82 10.02 7.83 -12.99
N LYS B 83 10.89 8.56 -13.68
CA LYS B 83 10.72 9.99 -13.90
C LYS B 83 10.37 10.25 -15.35
N ILE B 84 9.33 11.04 -15.59
CA ILE B 84 8.99 11.48 -16.94
C ILE B 84 9.01 13.00 -16.99
N ALA B 85 9.98 13.54 -17.72
CA ALA B 85 10.18 14.99 -17.79
C ALA B 85 9.17 15.66 -18.74
N SER B 86 8.98 16.97 -18.53
CA SER B 86 8.07 17.81 -19.32
C SER B 86 6.88 17.05 -19.94
N VAL B 87 5.89 16.77 -19.10
CA VAL B 87 4.78 15.90 -19.44
C VAL B 87 3.69 16.59 -20.26
N VAL B 88 3.15 15.85 -21.24
CA VAL B 88 2.12 16.37 -22.15
C VAL B 88 0.78 15.63 -21.95
N THR B 89 -0.26 16.07 -22.66
CA THR B 89 -1.59 15.45 -22.59
C THR B 89 -1.56 13.96 -22.93
N ALA B 90 -0.77 13.59 -23.93
CA ALA B 90 -0.63 12.21 -24.38
C ALA B 90 -0.06 11.26 -23.31
N ASP B 91 0.54 11.81 -22.25
CA ASP B 91 1.06 11.02 -21.13
C ASP B 91 -0.03 10.53 -20.17
N THR B 92 -1.26 11.00 -20.38
CA THR B 92 -2.41 10.50 -19.63
C THR B 92 -2.59 9.01 -19.91
N ALA B 93 -2.53 8.21 -18.84
CA ALA B 93 -2.56 6.75 -18.93
C ALA B 93 -2.60 6.14 -17.54
N THR B 94 -2.89 4.83 -17.48
CA THR B 94 -2.63 4.04 -16.28
C THR B 94 -1.19 3.50 -16.36
N TYR B 95 -0.43 3.73 -15.29
CA TYR B 95 0.95 3.27 -15.24
C TYR B 95 1.09 2.05 -14.34
N TYR B 96 1.75 1.03 -14.86
CA TYR B 96 2.03 -0.20 -14.11
C TYR B 96 3.53 -0.38 -13.92
N CYS B 97 3.90 -0.93 -12.76
CA CYS B 97 5.18 -1.60 -12.65
C CYS B 97 4.92 -3.10 -12.64
N ALA B 98 5.90 -3.87 -13.11
CA ALA B 98 5.82 -5.32 -13.19
C ALA B 98 7.19 -5.95 -12.97
N ARG B 99 7.22 -7.10 -12.29
CA ARG B 99 8.45 -7.83 -12.10
C ARG B 99 8.86 -8.60 -13.37
N ILE B 100 10.17 -8.60 -13.63
CA ILE B 100 10.76 -9.35 -14.74
C ILE B 100 11.81 -10.32 -14.18
N PRO B 101 11.44 -11.61 -14.04
CA PRO B 101 12.39 -12.68 -13.72
C PRO B 101 12.79 -13.55 -14.94
N GLY B 102 13.87 -13.19 -15.63
CA GLY B 102 14.18 -13.81 -16.93
C GLY B 102 13.71 -12.72 -17.86
N PHE B 103 12.44 -12.77 -18.28
CA PHE B 103 11.98 -13.59 -19.40
C PHE B 103 10.86 -12.64 -19.90
N GLY B 104 10.19 -12.01 -18.91
CA GLY B 104 8.93 -11.19 -19.01
C GLY B 104 8.81 -10.61 -17.58
N PHE B 105 7.97 -9.57 -17.49
CA PHE B 105 6.63 -9.58 -16.87
C PHE B 105 5.96 -10.84 -16.42
N ASP B 106 5.89 -11.03 -15.13
CA ASP B 106 4.91 -11.94 -14.52
C ASP B 106 3.74 -11.20 -13.79
N TYR B 107 4.03 -10.62 -12.62
CA TYR B 107 3.13 -9.68 -11.92
C TYR B 107 3.79 -8.30 -12.10
N TRP B 108 3.15 -7.23 -12.61
CA TRP B 108 1.79 -6.70 -12.41
C TRP B 108 1.19 -6.25 -11.08
N GLY B 109 1.41 -4.96 -10.82
CA GLY B 109 0.72 -4.22 -9.78
C GLY B 109 -0.62 -3.71 -10.28
N GLN B 110 -1.35 -3.04 -9.39
CA GLN B 110 -2.71 -2.57 -9.66
C GLN B 110 -2.79 -1.47 -10.73
N GLY B 111 -1.70 -0.72 -10.88
CA GLY B 111 -1.69 0.45 -11.75
C GLY B 111 -1.97 1.73 -10.99
N THR B 112 -1.36 2.83 -11.43
CA THR B 112 -1.74 4.16 -10.97
C THR B 112 -2.16 5.02 -12.17
N THR B 113 -3.37 5.57 -12.10
CA THR B 113 -3.91 6.35 -13.20
C THR B 113 -3.43 7.79 -13.09
N LEU B 114 -2.90 8.30 -14.20
CA LEU B 114 -2.43 9.68 -14.26
C LEU B 114 -3.17 10.48 -15.32
N THR B 115 -3.63 11.66 -14.92
CA THR B 115 -4.23 12.60 -15.85
C THR B 115 -3.39 13.87 -15.91
N VAL B 116 -3.04 14.26 -17.14
CA VAL B 116 -2.33 15.51 -17.36
C VAL B 116 -3.34 16.59 -17.74
N SER B 117 -3.60 17.46 -16.78
CA SER B 117 -4.62 18.49 -16.91
C SER B 117 -4.26 19.74 -16.12
N SER B 118 -4.76 20.88 -16.59
CA SER B 118 -4.57 22.16 -15.91
C SER B 118 -5.73 22.44 -14.96
N ALA B 119 -6.59 21.45 -14.77
CA ALA B 119 -7.83 21.63 -14.02
C ALA B 119 -7.73 21.26 -12.55
N THR B 120 -8.58 21.90 -11.74
CA THR B 120 -8.75 21.60 -10.33
C THR B 120 -9.25 20.16 -10.15
N THR B 121 -8.79 19.51 -9.09
CA THR B 121 -9.32 18.22 -8.69
C THR B 121 -10.66 18.45 -7.99
N THR B 122 -11.67 17.68 -8.34
CA THR B 122 -13.01 17.82 -7.76
C THR B 122 -13.50 16.49 -7.22
N ALA B 123 -13.82 16.46 -5.93
CA ALA B 123 -14.36 15.27 -5.28
C ALA B 123 -15.78 14.94 -5.78
N PRO B 124 -16.20 13.67 -5.72
CA PRO B 124 -17.56 13.31 -6.11
C PRO B 124 -18.64 13.60 -5.06
N SER B 125 -19.86 13.81 -5.55
CA SER B 125 -21.07 13.76 -4.75
C SER B 125 -21.67 12.37 -4.94
N VAL B 126 -22.14 11.77 -3.85
CA VAL B 126 -22.68 10.41 -3.92
C VAL B 126 -24.13 10.41 -3.43
N TYR B 127 -25.03 9.89 -4.28
CA TYR B 127 -26.47 9.88 -4.01
C TYR B 127 -27.04 8.46 -4.00
N PRO B 128 -28.00 8.16 -3.07
CA PRO B 128 -28.86 6.96 -3.18
C PRO B 128 -29.44 7.06 -4.61
N LEU B 129 -29.36 5.93 -5.30
CA LEU B 129 -30.46 5.09 -5.75
C LEU B 129 -31.24 4.19 -4.80
N VAL B 130 -32.39 4.66 -4.37
CA VAL B 130 -33.39 3.96 -3.56
C VAL B 130 -34.64 3.70 -4.41
N PRO B 131 -35.23 2.48 -4.33
CA PRO B 131 -36.49 2.14 -5.00
C PRO B 131 -37.75 2.22 -4.11
N GLY B 132 -38.41 3.38 -4.04
CA GLY B 132 -37.95 4.59 -4.71
C GLY B 132 -38.09 5.78 -3.78
N CYS B 133 -37.07 6.64 -3.75
CA CYS B 133 -37.13 7.87 -2.97
C CYS B 133 -36.40 8.99 -3.68
N SER B 139 -38.86 -10.22 -4.14
CA SER B 139 -38.00 -11.32 -3.72
C SER B 139 -36.55 -10.86 -3.52
N SER B 140 -36.03 -10.12 -4.50
CA SER B 140 -34.74 -9.46 -4.39
C SER B 140 -34.88 -7.97 -4.76
N VAL B 141 -34.01 -7.14 -4.19
CA VAL B 141 -34.11 -5.69 -4.39
C VAL B 141 -32.78 -5.11 -4.91
N THR B 142 -32.89 -4.19 -5.86
CA THR B 142 -31.73 -3.55 -6.46
C THR B 142 -31.55 -2.14 -5.93
N LEU B 143 -30.35 -1.88 -5.40
CA LEU B 143 -30.00 -0.62 -4.78
C LEU B 143 -28.74 -0.12 -5.44
N GLY B 144 -28.47 1.18 -5.29
CA GLY B 144 -27.24 1.72 -5.83
C GLY B 144 -26.81 3.04 -5.25
N CYS B 145 -25.71 3.53 -5.81
CA CYS B 145 -24.96 4.75 -5.43
C CYS B 145 -24.61 5.46 -6.78
N LEU B 146 -24.91 6.73 -6.95
CA LEU B 146 -24.60 7.51 -8.14
C LEU B 146 -23.66 8.68 -7.80
N VAL B 147 -22.77 9.17 -8.68
CA VAL B 147 -21.33 9.18 -8.33
C VAL B 147 -20.95 10.24 -9.38
N LYS B 148 -21.30 11.46 -9.09
CA LYS B 148 -21.26 12.54 -10.05
C LYS B 148 -20.28 13.56 -9.58
N GLY B 149 -19.63 14.17 -10.53
CA GLY B 149 -19.05 15.47 -10.39
C GLY B 149 -17.55 15.52 -10.28
N TYR B 150 -16.84 14.50 -10.68
CA TYR B 150 -15.52 14.25 -10.16
C TYR B 150 -14.44 14.29 -11.23
N PHE B 151 -13.21 14.51 -10.81
CA PHE B 151 -12.05 14.79 -11.65
C PHE B 151 -10.79 14.84 -10.79
N PRO B 152 -9.69 14.17 -11.19
CA PRO B 152 -9.75 13.29 -12.36
C PRO B 152 -10.29 11.87 -12.05
N GLU B 153 -10.17 10.96 -13.01
CA GLU B 153 -10.33 9.52 -12.76
C GLU B 153 -9.12 9.02 -11.95
N PRO B 154 -9.27 7.90 -11.23
CA PRO B 154 -10.48 7.11 -11.08
C PRO B 154 -11.26 7.34 -9.77
N VAL B 155 -12.40 6.67 -9.68
CA VAL B 155 -13.11 6.49 -8.44
C VAL B 155 -13.16 4.98 -8.13
N THR B 156 -13.06 4.62 -6.85
CA THR B 156 -13.29 3.24 -6.43
C THR B 156 -14.63 3.15 -5.66
N VAL B 157 -15.49 2.23 -6.09
CA VAL B 157 -16.76 1.98 -5.40
C VAL B 157 -16.82 0.56 -4.82
N LYS B 158 -17.08 0.48 -3.52
CA LYS B 158 -17.25 -0.80 -2.84
C LYS B 158 -18.59 -0.84 -2.09
N TRP B 159 -19.02 -2.04 -1.73
CA TRP B 159 -20.24 -2.21 -0.95
C TRP B 159 -19.94 -2.93 0.35
N ASN B 160 -20.43 -2.36 1.45
CA ASN B 160 -20.19 -2.84 2.80
C ASN B 160 -18.71 -3.08 3.07
N TYR B 161 -17.90 -2.09 2.66
CA TYR B 161 -16.44 -2.09 2.81
C TYR B 161 -15.75 -3.25 2.08
N GLY B 162 -16.42 -3.78 1.06
CA GLY B 162 -15.91 -4.88 0.26
C GLY B 162 -16.50 -6.24 0.57
N ALA B 163 -17.23 -6.34 1.68
CA ALA B 163 -17.84 -7.61 2.10
C ALA B 163 -19.03 -8.01 1.23
N LEU B 164 -19.63 -7.04 0.56
CA LEU B 164 -20.67 -7.30 -0.42
C LEU B 164 -20.07 -7.10 -1.81
N SER B 165 -19.94 -8.20 -2.55
CA SER B 165 -19.25 -8.21 -3.84
C SER B 165 -20.03 -8.94 -4.93
N SER B 166 -20.82 -9.93 -4.54
CA SER B 166 -21.69 -10.62 -5.48
C SER B 166 -22.95 -9.81 -5.73
N GLY B 167 -23.35 -9.72 -7.00
CA GLY B 167 -24.49 -8.91 -7.43
C GLY B 167 -24.14 -7.46 -7.75
N VAL B 168 -22.87 -7.09 -7.60
CA VAL B 168 -22.42 -5.72 -7.88
C VAL B 168 -22.27 -5.50 -9.39
N ARG B 169 -22.82 -4.39 -9.87
CA ARG B 169 -22.70 -3.97 -11.26
C ARG B 169 -22.29 -2.50 -11.25
N THR B 170 -21.05 -2.21 -11.67
CA THR B 170 -20.59 -0.82 -11.75
C THR B 170 -20.32 -0.45 -13.21
N VAL B 171 -21.15 0.44 -13.75
CA VAL B 171 -21.00 0.89 -15.13
C VAL B 171 -19.75 1.75 -15.29
N SER B 172 -19.23 1.84 -16.51
CA SER B 172 -18.05 2.65 -16.76
C SER B 172 -18.39 4.13 -16.66
N SER B 173 -17.37 4.95 -16.39
CA SER B 173 -17.56 6.38 -16.24
C SER B 173 -17.93 7.06 -17.55
N VAL B 174 -18.61 8.19 -17.44
CA VAL B 174 -18.98 9.02 -18.58
C VAL B 174 -18.45 10.43 -18.32
N LEU B 175 -17.70 10.98 -19.28
CA LEU B 175 -17.24 12.36 -19.19
C LEU B 175 -18.24 13.29 -19.87
N GLN B 176 -18.65 14.33 -19.15
CA GLN B 176 -19.47 15.38 -19.73
C GLN B 176 -19.23 16.68 -18.98
N SER B 177 -19.02 17.75 -19.75
CA SER B 177 -18.77 19.09 -19.22
C SER B 177 -17.62 19.11 -18.20
N GLY B 178 -16.53 18.41 -18.55
CA GLY B 178 -15.31 18.40 -17.74
C GLY B 178 -15.34 17.51 -16.51
N PHE B 179 -16.47 16.85 -16.25
CA PHE B 179 -16.61 15.98 -15.08
C PHE B 179 -17.05 14.58 -15.45
N TYR B 180 -16.60 13.62 -14.64
CA TYR B 180 -17.00 12.22 -14.79
C TYR B 180 -18.18 11.88 -13.88
N SER B 181 -18.89 10.82 -14.27
CA SER B 181 -19.95 10.25 -13.44
C SER B 181 -20.09 8.77 -13.75
N LEU B 182 -20.50 8.01 -12.74
CA LEU B 182 -20.89 6.62 -12.92
C LEU B 182 -21.95 6.27 -11.90
N SER B 183 -22.49 5.07 -11.99
CA SER B 183 -23.31 4.54 -10.90
C SER B 183 -22.95 3.08 -10.65
N SER B 184 -23.08 2.67 -9.39
CA SER B 184 -22.83 1.29 -9.00
C SER B 184 -24.07 0.77 -8.30
N LEU B 185 -24.50 -0.43 -8.70
CA LEU B 185 -25.69 -1.05 -8.13
C LEU B 185 -25.43 -2.46 -7.61
N VAL B 186 -26.12 -2.83 -6.55
CA VAL B 186 -26.12 -4.21 -6.04
C VAL B 186 -27.54 -4.73 -5.98
N THR B 187 -27.70 -6.01 -6.33
CA THR B 187 -28.94 -6.73 -6.10
C THR B 187 -28.76 -7.67 -4.90
N VAL B 188 -29.53 -7.42 -3.88
CA VAL B 188 -29.61 -8.24 -2.72
C VAL B 188 -31.03 -8.83 -2.74
N PRO B 189 -31.23 -10.09 -2.41
CA PRO B 189 -32.18 -10.44 -1.36
C PRO B 189 -33.03 -9.42 -0.68
N SER B 190 -34.25 -9.77 -0.38
CA SER B 190 -35.16 -8.75 0.10
C SER B 190 -35.07 -8.52 1.58
N SER B 191 -34.31 -9.39 2.22
CA SER B 191 -34.58 -9.85 3.54
C SER B 191 -33.48 -9.34 4.44
N THR B 192 -32.26 -9.46 3.99
CA THR B 192 -31.57 -8.44 3.23
C THR B 192 -31.68 -7.00 3.67
N TRP B 193 -32.40 -6.27 2.87
CA TRP B 193 -32.59 -4.83 2.97
C TRP B 193 -34.06 -4.52 2.96
N PRO B 194 -34.55 -3.63 3.81
CA PRO B 194 -33.74 -2.77 4.69
C PRO B 194 -33.47 -3.28 6.12
N SER B 195 -33.71 -4.57 6.37
CA SER B 195 -33.49 -5.15 7.69
C SER B 195 -32.02 -5.18 8.12
N GLN B 196 -31.11 -5.33 7.15
CA GLN B 196 -29.67 -5.23 7.37
C GLN B 196 -29.10 -4.00 6.66
N THR B 197 -27.96 -3.53 7.14
CA THR B 197 -27.32 -2.32 6.60
C THR B 197 -26.66 -2.58 5.25
N VAL B 198 -26.91 -1.68 4.30
CA VAL B 198 -26.27 -1.69 3.00
C VAL B 198 -25.63 -0.32 2.78
N ILE B 199 -24.31 -0.33 2.61
CA ILE B 199 -23.51 0.90 2.49
C ILE B 199 -22.66 0.81 1.23
N CYS B 200 -22.62 1.88 0.44
CA CYS B 200 -21.55 2.13 -0.52
C CYS B 200 -20.36 2.94 -0.09
N ASN B 201 -19.17 2.47 -0.40
CA ASN B 201 -17.95 3.18 -0.09
C ASN B 201 -17.32 3.69 -1.37
N VAL B 202 -17.25 5.02 -1.49
CA VAL B 202 -16.72 5.65 -2.69
C VAL B 202 -15.42 6.37 -2.35
N ALA B 203 -14.33 5.97 -3.01
CA ALA B 203 -13.04 6.59 -2.82
C ALA B 203 -12.60 7.35 -4.05
N HIS B 204 -12.09 8.55 -3.83
CA HIS B 204 -11.51 9.39 -4.88
C HIS B 204 -10.15 9.88 -4.38
N PRO B 205 -9.08 9.11 -4.68
CA PRO B 205 -7.73 9.35 -4.16
C PRO B 205 -7.19 10.75 -4.48
N ALA B 206 -7.46 11.25 -5.69
CA ALA B 206 -6.96 12.55 -6.14
C ALA B 206 -7.40 13.74 -5.28
N SER B 207 -8.61 13.65 -4.72
CA SER B 207 -9.10 14.67 -3.79
C SER B 207 -9.00 14.20 -2.34
N LYS B 208 -8.40 13.02 -2.15
CA LYS B 208 -8.24 12.40 -0.82
C LYS B 208 -9.60 12.18 -0.15
N THR B 209 -10.56 11.75 -0.98
CA THR B 209 -11.94 11.60 -0.56
C THR B 209 -12.24 10.13 -0.24
N GLU B 210 -12.84 9.91 0.92
CA GLU B 210 -13.31 8.60 1.34
C GLU B 210 -14.69 8.79 1.91
N LEU B 211 -15.70 8.70 1.06
CA LEU B 211 -17.05 8.94 1.54
C LEU B 211 -17.93 7.70 1.52
N ILE B 212 -19.05 7.80 2.23
CA ILE B 212 -19.94 6.67 2.47
C ILE B 212 -21.40 7.08 2.38
N LYS B 213 -22.19 6.26 1.70
CA LYS B 213 -23.64 6.42 1.64
C LYS B 213 -24.38 5.19 2.15
N ARG B 214 -25.14 5.38 3.23
CA ARG B 214 -26.11 4.39 3.66
C ARG B 214 -27.31 4.43 2.74
N ILE B 215 -27.75 3.26 2.28
CA ILE B 215 -28.96 3.17 1.47
C ILE B 215 -30.17 3.01 2.39
N GLU B 216 -30.92 4.10 2.55
CA GLU B 216 -32.12 4.16 3.37
C GLU B 216 -33.38 4.08 2.52
N PRO B 217 -34.38 3.30 2.97
CA PRO B 217 -35.69 3.34 2.34
C PRO B 217 -36.54 4.50 2.85
N ARG B 218 -37.68 4.73 2.20
CA ARG B 218 -38.75 5.54 2.77
C ARG B 218 -40.07 4.78 2.57
N ASP C 1 -15.48 8.44 5.54
CA ASP C 1 -14.54 8.58 6.70
C ASP C 1 -13.87 9.96 6.71
N VAL C 2 -13.51 10.41 7.92
CA VAL C 2 -12.82 11.68 8.10
C VAL C 2 -11.34 11.53 7.77
N VAL C 3 -10.93 12.10 6.64
CA VAL C 3 -9.54 12.01 6.18
C VAL C 3 -8.72 13.12 6.83
N MET C 4 -7.59 12.73 7.42
CA MET C 4 -6.66 13.64 8.03
C MET C 4 -5.43 13.81 7.13
N THR C 5 -5.23 15.03 6.65
CA THR C 5 -4.13 15.33 5.74
C THR C 5 -3.12 16.23 6.45
N GLN C 6 -1.96 15.68 6.80
CA GLN C 6 -0.92 16.50 7.41
C GLN C 6 0.27 16.82 6.50
N THR C 7 0.81 18.03 6.67
CA THR C 7 1.78 18.64 5.76
C THR C 7 2.90 19.33 6.57
N PRO C 8 4.17 19.21 6.28
CA PRO C 8 4.77 18.38 5.28
C PRO C 8 4.75 16.94 5.66
N LEU C 9 5.01 16.10 4.67
CA LEU C 9 5.60 14.80 4.83
C LEU C 9 6.88 14.79 5.58
N SER C 10 7.78 15.71 5.29
CA SER C 10 8.98 15.76 6.12
C SER C 10 9.61 17.13 6.12
N LEU C 11 10.40 17.42 7.16
CA LEU C 11 11.21 18.63 7.20
C LEU C 11 12.47 18.43 8.03
N SER C 12 13.52 19.15 7.68
CA SER C 12 14.75 19.15 8.45
C SER C 12 14.90 20.50 9.15
N VAL C 13 15.01 20.45 10.48
CA VAL C 13 15.01 21.66 11.32
C VAL C 13 16.30 21.78 12.13
N SER C 14 16.89 22.97 12.11
CA SER C 14 18.07 23.27 12.93
C SER C 14 17.71 23.38 14.41
N LEU C 15 18.68 23.08 15.28
CA LEU C 15 18.49 23.20 16.73
C LEU C 15 18.22 24.63 17.17
N GLY C 16 17.23 24.79 18.05
CA GLY C 16 16.81 26.12 18.52
C GLY C 16 15.84 26.81 17.58
N ASP C 17 15.56 26.14 16.46
CA ASP C 17 14.74 26.67 15.38
C ASP C 17 13.29 26.25 15.61
N GLN C 18 12.36 26.98 15.00
CA GLN C 18 10.94 26.68 15.12
C GLN C 18 10.45 25.79 13.99
N ALA C 19 9.55 24.88 14.32
CA ALA C 19 8.91 24.00 13.34
C ALA C 19 7.39 24.00 13.53
N SER C 20 6.68 24.02 12.40
CA SER C 20 5.22 23.95 12.40
C SER C 20 4.73 22.77 11.58
N ILE C 21 3.72 22.08 12.09
CA ILE C 21 3.13 20.94 11.41
C ILE C 21 1.61 21.13 11.35
N SER C 22 1.05 21.08 10.15
CA SER C 22 -0.39 21.31 9.99
C SER C 22 -1.13 20.01 9.75
N CYS C 23 -2.40 20.00 10.16
CA CYS C 23 -3.25 18.84 9.98
C CYS C 23 -4.66 19.27 9.60
N ARG C 24 -5.12 18.81 8.44
CA ARG C 24 -6.44 19.19 7.93
C ARG C 24 -7.41 18.02 7.88
N SER C 25 -8.65 18.27 8.32
CA SER C 25 -9.70 17.26 8.27
C SER C 25 -10.72 17.53 7.16
N SER C 26 -11.29 16.45 6.61
CA SER C 26 -12.30 16.53 5.54
C SER C 26 -13.65 17.00 6.06
N GLN C 27 -13.87 16.81 7.37
CA GLN C 27 -15.07 17.28 8.05
C GLN C 27 -14.66 17.98 9.33
N SER C 28 -15.54 18.85 9.84
CA SER C 28 -15.31 19.55 11.09
C SER C 28 -15.14 18.58 12.26
N LEU C 29 -14.19 18.88 13.14
CA LEU C 29 -13.93 18.05 14.31
C LEU C 29 -14.63 18.56 15.57
N VAL C 30 -15.53 19.53 15.41
CA VAL C 30 -16.32 20.03 16.52
C VAL C 30 -17.38 19.00 16.93
N HIS C 31 -17.26 18.51 18.16
CA HIS C 31 -18.26 17.66 18.79
C HIS C 31 -19.31 18.60 19.39
N SER C 32 -20.38 18.00 19.84
CA SER C 32 -21.66 18.64 19.92
C SER C 32 -21.90 18.81 21.38
N ASN C 33 -21.13 18.10 22.20
CA ASN C 33 -20.56 18.64 23.43
C ASN C 33 -19.76 19.91 23.38
N GLY C 34 -19.43 20.34 22.17
CA GLY C 34 -18.73 21.60 21.88
C GLY C 34 -17.22 21.48 21.93
N ASN C 35 -16.71 20.33 22.36
CA ASN C 35 -15.28 20.07 22.36
C ASN C 35 -14.78 19.71 20.97
N THR C 36 -13.50 19.98 20.71
CA THR C 36 -12.85 19.57 19.47
C THR C 36 -11.76 18.55 19.81
N PHE C 37 -11.95 17.33 19.33
CA PHE C 37 -11.10 16.22 19.73
C PHE C 37 -9.97 15.94 18.73
N LEU C 38 -9.03 16.88 18.63
CA LEU C 38 -7.81 16.68 17.87
C LEU C 38 -6.61 16.52 18.80
N GLN C 39 -5.89 15.42 18.63
CA GLN C 39 -4.73 15.10 19.45
C GLN C 39 -3.46 15.03 18.61
N TRP C 40 -2.34 15.36 19.25
CA TRP C 40 -1.01 15.31 18.64
C TRP C 40 -0.09 14.36 19.40
N TYR C 41 0.59 13.49 18.67
CA TYR C 41 1.54 12.53 19.25
C TYR C 41 2.92 12.65 18.61
N LEU C 42 3.94 12.26 19.37
CA LEU C 42 5.28 12.06 18.85
C LEU C 42 5.61 10.57 18.97
N GLN C 43 5.96 9.94 17.85
CA GLN C 43 6.53 8.62 17.88
C GLN C 43 8.04 8.67 17.60
N LYS C 44 8.82 8.42 18.63
CA LYS C 44 10.28 8.38 18.51
C LYS C 44 10.77 7.04 17.97
N PRO C 45 11.95 7.04 17.29
CA PRO C 45 12.56 5.81 16.78
C PRO C 45 12.56 4.66 17.80
N GLY C 46 12.07 3.50 17.39
CA GLY C 46 12.00 2.31 18.25
C GLY C 46 11.11 2.44 19.47
N GLN C 47 10.27 3.49 19.50
CA GLN C 47 9.37 3.76 20.62
C GLN C 47 7.92 3.88 20.16
N SER C 48 7.00 3.81 21.12
CA SER C 48 5.58 3.93 20.83
C SER C 48 5.14 5.39 20.90
N PRO C 49 4.03 5.74 20.23
CA PRO C 49 3.55 7.12 20.26
C PRO C 49 3.37 7.66 21.67
N LYS C 50 3.65 8.94 21.87
CA LYS C 50 3.31 9.58 23.14
C LYS C 50 2.61 10.93 22.94
N LEU C 51 1.66 11.21 23.81
CA LEU C 51 0.77 12.36 23.64
C LEU C 51 1.43 13.67 24.00
N LEU C 52 1.31 14.63 23.10
CA LEU C 52 1.84 15.96 23.29
C LEU C 52 0.72 16.94 23.63
N ILE C 53 -0.27 16.99 22.76
CA ILE C 53 -1.33 17.98 22.81
C ILE C 53 -2.67 17.27 22.61
N TYR C 54 -3.60 17.47 23.51
CA TYR C 54 -4.94 16.88 23.39
C TYR C 54 -6.00 17.97 23.32
N LYS C 55 -7.14 17.66 22.68
CA LYS C 55 -8.23 18.62 22.43
C LYS C 55 -7.72 19.95 21.85
N VAL C 56 -7.01 19.84 20.73
CA VAL C 56 -6.49 20.98 19.96
C VAL C 56 -5.28 21.70 20.57
N SER C 57 -5.35 22.04 21.86
CA SER C 57 -4.36 22.94 22.46
C SER C 57 -3.94 22.64 23.91
N ASN C 58 -4.45 21.58 24.50
CA ASN C 58 -4.09 21.27 25.89
C ASN C 58 -2.80 20.46 25.95
N ARG C 59 -1.81 20.99 26.68
CA ARG C 59 -0.58 20.25 26.92
C ARG C 59 -0.83 19.08 27.85
N PHE C 60 -0.39 17.90 27.42
CA PHE C 60 -0.40 16.73 28.28
C PHE C 60 0.69 16.90 29.33
N SER C 61 0.44 16.35 30.52
CA SER C 61 1.37 16.46 31.64
C SER C 61 2.73 15.86 31.27
N GLY C 62 3.80 16.57 31.66
CA GLY C 62 5.16 16.15 31.38
C GLY C 62 5.73 16.67 30.08
N VAL C 63 4.85 17.19 29.21
CA VAL C 63 5.26 17.73 27.91
C VAL C 63 5.84 19.14 28.08
N PRO C 64 7.06 19.37 27.53
CA PRO C 64 7.73 20.67 27.59
C PRO C 64 6.87 21.80 27.03
N ASP C 65 7.14 23.02 27.51
CA ASP C 65 6.41 24.21 27.09
CA ASP C 65 6.42 24.23 27.10
C ASP C 65 6.61 24.56 25.61
N ARG C 66 7.65 23.97 25.02
CA ARG C 66 8.03 24.17 23.63
C ARG C 66 6.96 23.70 22.62
N PHE C 67 6.08 22.81 23.08
CA PHE C 67 4.99 22.27 22.25
C PHE C 67 3.68 22.98 22.52
N SER C 68 3.01 23.39 21.45
CA SER C 68 1.68 24.01 21.53
C SER C 68 0.82 23.60 20.34
N GLY C 69 -0.49 23.83 20.45
CA GLY C 69 -1.43 23.56 19.37
C GLY C 69 -2.43 24.71 19.20
N SER C 70 -3.04 24.79 18.01
CA SER C 70 -4.06 25.81 17.69
C SER C 70 -4.97 25.37 16.52
N GLY C 71 -5.94 26.22 16.14
CA GLY C 71 -7.03 25.91 15.18
C GLY C 71 -8.20 25.33 15.94
N SER C 72 -9.22 24.75 15.30
CA SER C 72 -10.21 25.45 14.45
C SER C 72 -10.79 24.63 13.31
N GLY C 73 -11.91 23.97 13.63
CA GLY C 73 -12.78 23.32 12.65
C GLY C 73 -12.11 22.20 11.88
N THR C 74 -11.44 22.58 10.80
CA THR C 74 -10.79 21.63 9.90
C THR C 74 -9.27 21.84 9.79
N ASP C 75 -8.76 22.92 10.41
CA ASP C 75 -7.36 23.31 10.25
C ASP C 75 -6.67 23.47 11.59
N PHE C 76 -5.64 22.66 11.82
CA PHE C 76 -4.97 22.56 13.12
C PHE C 76 -3.46 22.57 12.92
N THR C 77 -2.75 23.17 13.87
CA THR C 77 -1.30 23.33 13.78
C THR C 77 -0.57 22.99 15.08
N LEU C 78 0.39 22.07 14.99
CA LEU C 78 1.33 21.81 16.07
C LEU C 78 2.58 22.64 15.85
N LYS C 79 3.00 23.32 16.90
CA LYS C 79 4.22 24.14 16.85
C LYS C 79 5.23 23.67 17.89
N ILE C 80 6.47 23.52 17.45
CA ILE C 80 7.61 23.30 18.34
C ILE C 80 8.42 24.58 18.28
N SER C 81 8.34 25.37 19.35
CA SER C 81 8.88 26.74 19.36
C SER C 81 10.40 26.77 19.26
N ARG C 82 11.01 25.69 19.69
CA ARG C 82 12.44 25.60 19.77
C ARG C 82 12.99 24.20 19.78
N MET C 83 13.52 23.82 18.65
CA MET C 83 13.85 22.42 18.36
C MET C 83 15.03 21.93 19.20
N GLU C 84 14.78 20.91 20.01
CA GLU C 84 15.84 20.21 20.73
C GLU C 84 16.12 18.86 20.07
N ALA C 85 17.28 18.29 20.35
CA ALA C 85 17.73 17.03 19.75
C ALA C 85 16.79 15.86 20.05
N GLU C 86 16.16 15.90 21.23
CA GLU C 86 15.25 14.85 21.68
C GLU C 86 13.90 14.85 20.96
N ASP C 87 13.69 15.82 20.05
CA ASP C 87 12.39 16.03 19.42
C ASP C 87 12.26 15.42 18.03
N LEU C 88 13.21 14.59 17.64
CA LEU C 88 13.14 13.92 16.36
C LEU C 88 12.10 12.80 16.40
N GLY C 89 11.63 12.40 15.22
CA GLY C 89 10.67 11.31 15.10
C GLY C 89 9.53 11.69 14.19
N ILE C 90 8.44 10.93 14.29
CA ILE C 90 7.26 11.14 13.47
C ILE C 90 6.12 11.68 14.33
N TYR C 91 5.68 12.88 13.99
CA TYR C 91 4.55 13.54 14.63
C TYR C 91 3.27 13.19 13.86
N PHE C 92 2.17 12.97 14.57
CA PHE C 92 0.89 12.70 13.91
C PHE C 92 -0.34 13.21 14.66
N CYS C 93 -1.40 13.51 13.91
CA CYS C 93 -2.71 13.88 14.49
C CYS C 93 -3.67 12.68 14.56
N SER C 94 -4.56 12.75 15.51
CA SER C 94 -5.62 11.82 15.74
C SER C 94 -6.83 12.69 15.87
N GLN C 95 -7.78 12.50 15.00
CA GLN C 95 -9.14 12.74 15.34
C GLN C 95 -9.91 11.66 16.01
N THR C 96 -10.58 12.03 17.08
CA THR C 96 -11.44 11.11 17.82
C THR C 96 -12.88 11.64 17.99
N THR C 97 -13.26 12.63 17.17
CA THR C 97 -14.61 13.19 17.19
C THR C 97 -15.59 12.27 16.49
N HIS C 98 -15.16 11.72 15.35
CA HIS C 98 -16.03 10.91 14.50
C HIS C 98 -15.50 9.49 14.38
N VAL C 99 -16.39 8.51 14.51
CA VAL C 99 -16.07 7.12 14.24
C VAL C 99 -16.25 6.89 12.73
N PRO C 100 -15.29 6.23 12.06
CA PRO C 100 -14.05 5.70 12.63
C PRO C 100 -13.01 6.76 13.00
N TRP C 101 -12.34 6.54 14.12
CA TRP C 101 -11.21 7.36 14.55
C TRP C 101 -10.07 7.20 13.56
N THR C 102 -9.54 8.31 13.09
CA THR C 102 -8.53 8.30 12.04
C THR C 102 -7.27 9.09 12.41
N PHE C 103 -6.20 8.87 11.67
CA PHE C 103 -4.92 9.50 11.94
C PHE C 103 -4.41 10.20 10.70
N GLY C 104 -3.57 11.22 10.89
CA GLY C 104 -2.81 11.82 9.80
C GLY C 104 -1.70 10.87 9.39
N GLY C 105 -1.24 10.99 8.16
CA GLY C 105 -0.19 10.11 7.61
C GLY C 105 1.17 10.22 8.26
N GLY C 106 1.41 11.31 9.00
CA GLY C 106 2.67 11.50 9.71
C GLY C 106 3.57 12.56 9.11
N THR C 107 4.42 13.11 9.97
CA THR C 107 5.45 14.08 9.57
C THR C 107 6.78 13.67 10.21
N LYS C 108 7.74 13.26 9.37
CA LYS C 108 9.06 12.88 9.86
C LYS C 108 9.93 14.13 10.00
N LEU C 109 10.39 14.38 11.22
CA LEU C 109 11.16 15.56 11.51
C LEU C 109 12.62 15.20 11.74
N GLU C 110 13.50 15.71 10.91
CA GLU C 110 14.92 15.52 11.07
C GLU C 110 15.62 16.73 11.62
N ILE C 111 16.78 16.52 12.18
CA ILE C 111 17.52 17.60 12.81
C ILE C 111 18.73 17.97 11.96
N LYS C 112 18.72 19.21 11.49
CA LYS C 112 19.80 19.78 10.70
C LYS C 112 20.91 20.24 11.64
N ARG C 113 22.10 19.72 11.42
CA ARG C 113 23.27 20.09 12.22
C ARG C 113 24.54 20.27 11.38
N ALA C 114 25.62 20.66 12.02
CA ALA C 114 26.91 20.79 11.36
C ALA C 114 27.40 19.41 10.89
N ASP C 115 28.17 19.41 9.80
CA ASP C 115 28.77 18.19 9.26
C ASP C 115 29.69 17.50 10.26
N ALA C 116 29.73 16.17 10.17
CA ALA C 116 30.60 15.35 10.99
C ALA C 116 31.09 14.14 10.21
N ALA C 117 32.41 13.91 10.26
CA ALA C 117 33.01 12.75 9.60
C ALA C 117 32.78 11.51 10.46
N PRO C 118 32.57 10.34 9.81
CA PRO C 118 32.34 9.12 10.57
C PRO C 118 33.60 8.60 11.25
N THR C 119 33.41 7.78 12.28
CA THR C 119 34.49 7.01 12.86
C THR C 119 34.32 5.56 12.39
N VAL C 120 35.33 5.06 11.68
CA VAL C 120 35.26 3.75 11.04
C VAL C 120 35.97 2.67 11.86
N SER C 121 35.25 1.57 12.06
CA SER C 121 35.77 0.38 12.72
C SER C 121 35.54 -0.79 11.79
N ILE C 122 36.51 -1.70 11.72
CA ILE C 122 36.34 -2.94 10.96
C ILE C 122 36.39 -4.13 11.91
N PHE C 123 35.57 -5.14 11.62
CA PHE C 123 35.48 -6.30 12.48
C PHE C 123 35.66 -7.57 11.66
N PRO C 124 36.70 -8.36 12.00
CA PRO C 124 36.87 -9.68 11.39
C PRO C 124 35.74 -10.61 11.82
N PRO C 125 35.43 -11.64 11.01
CA PRO C 125 34.46 -12.62 11.48
C PRO C 125 34.95 -13.34 12.74
N SER C 126 34.01 -13.74 13.59
CA SER C 126 34.33 -14.47 14.80
C SER C 126 34.61 -15.94 14.50
N SER C 127 35.38 -16.57 15.39
CA SER C 127 35.66 -18.01 15.31
C SER C 127 34.37 -18.82 15.37
N GLU C 128 33.39 -18.29 16.09
CA GLU C 128 32.09 -18.92 16.30
C GLU C 128 31.27 -19.02 15.00
N GLN C 129 31.31 -17.97 14.19
CA GLN C 129 30.64 -17.98 12.88
C GLN C 129 31.39 -18.84 11.87
N LEU C 130 32.72 -18.86 11.97
CA LEU C 130 33.58 -19.57 11.02
C LEU C 130 33.49 -21.08 11.12
N THR C 131 33.12 -21.60 12.30
CA THR C 131 32.93 -23.04 12.49
C THR C 131 31.62 -23.52 11.88
N SER C 132 30.70 -22.57 11.66
CA SER C 132 29.41 -22.84 11.03
C SER C 132 29.51 -22.80 9.50
N GLY C 133 30.64 -22.33 9.00
CA GLY C 133 30.86 -22.19 7.55
C GLY C 133 30.53 -20.81 7.01
N GLY C 134 30.33 -19.85 7.89
CA GLY C 134 30.01 -18.47 7.51
C GLY C 134 31.09 -17.48 7.90
N ALA C 135 31.15 -16.36 7.16
CA ALA C 135 32.15 -15.33 7.43
C ALA C 135 31.66 -13.94 7.07
N SER C 136 31.19 -13.21 8.08
CA SER C 136 30.73 -11.83 7.92
C SER C 136 31.80 -10.85 8.38
N VAL C 137 32.15 -9.90 7.51
CA VAL C 137 33.08 -8.84 7.85
C VAL C 137 32.30 -7.52 7.97
N VAL C 138 32.33 -6.92 9.16
CA VAL C 138 31.51 -5.74 9.47
C VAL C 138 32.33 -4.44 9.50
N CYS C 139 31.75 -3.42 8.91
CA CYS C 139 32.27 -2.06 8.85
C CYS C 139 31.26 -1.05 9.33
N PHE C 140 31.62 -0.38 10.41
CA PHE C 140 30.75 0.47 11.16
C PHE C 140 31.30 1.86 11.02
N LEU C 141 30.57 2.65 10.28
CA LEU C 141 30.63 4.08 10.29
C LEU C 141 29.76 4.70 11.35
N ASN C 142 30.38 5.38 12.27
CA ASN C 142 29.77 5.86 13.50
C ASN C 142 29.83 7.39 13.55
N ASN C 143 28.66 8.00 13.76
CA ASN C 143 28.54 9.43 14.06
C ASN C 143 28.85 10.48 12.95
N PHE C 144 28.55 10.18 11.69
CA PHE C 144 28.37 11.23 10.65
C PHE C 144 27.07 11.97 11.03
N TYR C 145 26.93 13.28 10.83
CA TYR C 145 26.25 13.93 9.68
C TYR C 145 27.00 14.45 8.43
N PRO C 146 26.31 14.50 7.25
CA PRO C 146 24.94 14.06 6.91
C PRO C 146 24.80 12.55 6.72
N LYS C 147 23.56 12.09 6.51
CA LYS C 147 23.21 10.66 6.43
C LYS C 147 23.81 9.92 5.23
N ASP C 148 23.86 10.60 4.08
CA ASP C 148 24.40 10.01 2.85
C ASP C 148 25.86 9.60 2.95
N ILE C 149 26.13 8.33 2.65
CA ILE C 149 27.47 7.76 2.76
C ILE C 149 27.63 6.53 1.85
N ASN C 150 28.79 6.44 1.20
CA ASN C 150 29.10 5.34 0.30
C ASN C 150 30.18 4.43 0.88
N VAL C 151 29.90 3.13 0.89
CA VAL C 151 30.87 2.15 1.36
C VAL C 151 31.27 1.23 0.21
N LYS C 152 32.56 1.21 -0.09
CA LYS C 152 33.12 0.27 -1.05
C LYS C 152 33.98 -0.78 -0.34
N TRP C 153 33.78 -2.05 -0.73
CA TRP C 153 34.55 -3.14 -0.17
C TRP C 153 35.65 -3.58 -1.13
N LYS C 154 36.81 -3.91 -0.56
CA LYS C 154 37.95 -4.39 -1.36
C LYS C 154 38.63 -5.62 -0.73
N ILE C 155 38.74 -6.68 -1.53
CA ILE C 155 39.40 -7.91 -1.12
C ILE C 155 40.69 -8.08 -1.94
N ASP C 156 41.78 -8.30 -1.24
CA ASP C 156 43.12 -8.21 -1.80
C ASP C 156 43.34 -7.17 -2.90
N GLY C 157 42.84 -5.96 -2.72
CA GLY C 157 43.01 -4.86 -3.68
C GLY C 157 41.87 -4.73 -4.67
N SER C 158 40.97 -5.72 -4.71
CA SER C 158 39.89 -5.80 -5.71
C SER C 158 38.49 -5.54 -5.15
N GLU C 159 37.69 -4.79 -5.91
CA GLU C 159 36.35 -4.36 -5.48
C GLU C 159 35.34 -5.51 -5.44
N ARG C 160 34.44 -5.44 -4.45
CA ARG C 160 33.43 -6.47 -4.21
C ARG C 160 32.06 -5.84 -3.89
N GLN C 161 31.07 -6.15 -4.72
CA GLN C 161 29.71 -5.62 -4.55
C GLN C 161 28.74 -6.66 -4.03
N ASN C 162 28.96 -7.92 -4.43
CA ASN C 162 28.11 -9.04 -4.03
C ASN C 162 28.32 -9.43 -2.55
N GLY C 163 27.22 -9.77 -1.89
CA GLY C 163 27.25 -10.21 -0.49
C GLY C 163 27.36 -9.09 0.53
N VAL C 164 27.03 -7.87 0.11
CA VAL C 164 27.09 -6.70 0.96
C VAL C 164 25.69 -6.26 1.38
N LEU C 165 25.51 -6.05 2.69
CA LEU C 165 24.27 -5.49 3.23
C LEU C 165 24.56 -4.22 4.03
N ASN C 166 23.89 -3.13 3.64
CA ASN C 166 24.03 -1.84 4.32
C ASN C 166 22.79 -1.49 5.12
N SER C 167 23.01 -0.92 6.31
CA SER C 167 21.93 -0.57 7.22
C SER C 167 22.30 0.60 8.12
N TRP C 168 21.37 1.53 8.27
CA TRP C 168 21.57 2.74 9.06
C TRP C 168 20.84 2.64 10.41
N THR C 169 21.33 3.43 11.37
CA THR C 169 20.56 3.72 12.58
C THR C 169 19.64 4.90 12.28
N ASP C 170 18.63 5.09 13.12
CA ASP C 170 17.85 6.34 13.11
C ASP C 170 18.72 7.43 13.72
N GLN C 171 18.44 8.69 13.37
CA GLN C 171 19.22 9.82 13.88
C GLN C 171 19.30 9.79 15.42
N ASP C 172 20.46 10.11 15.95
CA ASP C 172 20.69 10.01 17.38
C ASP C 172 19.98 11.11 18.17
N SER C 173 19.50 10.74 19.36
CA SER C 173 18.67 11.60 20.19
C SER C 173 19.41 12.70 20.93
N LYS C 174 20.72 12.53 21.10
CA LYS C 174 21.53 13.47 21.85
C LYS C 174 22.50 14.29 21.03
N ASP C 175 23.12 13.69 20.04
CA ASP C 175 24.08 14.38 19.19
C ASP C 175 23.63 14.62 17.75
N SER C 176 22.43 14.13 17.43
CA SER C 176 21.75 14.36 16.13
C SER C 176 22.52 13.77 14.94
N THR C 177 23.22 12.67 15.20
CA THR C 177 24.10 12.06 14.22
C THR C 177 23.53 10.73 13.71
N TYR C 178 24.13 10.23 12.62
CA TYR C 178 23.77 8.94 12.05
C TYR C 178 24.92 7.93 12.19
N SER C 179 24.55 6.65 12.22
CA SER C 179 25.51 5.57 12.12
C SER C 179 24.99 4.56 11.12
N MET C 180 25.92 3.80 10.52
CA MET C 180 25.54 2.73 9.62
C MET C 180 26.54 1.57 9.68
N SER C 181 26.04 0.36 9.45
CA SER C 181 26.92 -0.79 9.30
C SER C 181 26.89 -1.30 7.86
N SER C 182 28.04 -1.78 7.41
CA SER C 182 28.17 -2.45 6.13
C SER C 182 28.82 -3.79 6.40
N THR C 183 28.09 -4.86 6.14
CA THR C 183 28.67 -6.19 6.30
C THR C 183 28.70 -7.01 5.01
N LEU C 184 29.91 -7.43 4.67
CA LEU C 184 30.16 -8.34 3.57
C LEU C 184 30.13 -9.76 4.13
N THR C 185 29.27 -10.60 3.56
CA THR C 185 29.14 -11.99 4.01
C THR C 185 29.64 -12.97 2.96
N LEU C 186 30.55 -13.84 3.39
CA LEU C 186 31.14 -14.86 2.56
C LEU C 186 31.06 -16.19 3.31
N THR C 187 31.44 -17.28 2.66
CA THR C 187 31.59 -18.55 3.34
C THR C 187 32.98 -18.61 3.98
N LYS C 188 33.21 -19.59 4.86
CA LYS C 188 34.51 -19.78 5.50
C LYS C 188 35.59 -20.05 4.47
N ASP C 189 35.30 -20.93 3.51
CA ASP C 189 36.20 -21.25 2.41
C ASP C 189 36.64 -19.99 1.66
N GLU C 190 35.65 -19.22 1.19
CA GLU C 190 35.90 -17.96 0.45
C GLU C 190 36.75 -16.97 1.24
N TYR C 191 36.37 -16.73 2.49
CA TYR C 191 37.08 -15.81 3.39
C TYR C 191 38.54 -16.18 3.59
N GLU C 192 38.84 -17.47 3.65
CA GLU C 192 40.19 -17.94 3.95
C GLU C 192 41.05 -18.17 2.71
N ARG C 193 40.47 -17.90 1.53
CA ARG C 193 41.21 -17.91 0.27
C ARG C 193 41.83 -16.54 -0.03
N HIS C 194 41.55 -15.56 0.83
CA HIS C 194 42.02 -14.18 0.65
C HIS C 194 42.73 -13.65 1.91
N ASN C 195 43.47 -12.56 1.77
CA ASN C 195 44.26 -12.00 2.87
C ASN C 195 43.76 -10.63 3.34
N SER C 196 43.74 -9.66 2.44
CA SER C 196 43.44 -8.27 2.78
C SER C 196 41.94 -7.93 2.65
N TYR C 197 41.40 -7.26 3.66
CA TYR C 197 40.00 -6.87 3.68
C TYR C 197 39.84 -5.39 4.00
N THR C 198 39.20 -4.65 3.09
CA THR C 198 39.20 -3.18 3.14
C THR C 198 37.83 -2.56 2.86
N CYS C 199 37.33 -1.80 3.83
CA CYS C 199 36.18 -0.91 3.58
C CYS C 199 36.66 0.54 3.50
N GLU C 200 36.13 1.26 2.51
CA GLU C 200 36.40 2.69 2.39
C GLU C 200 35.10 3.49 2.34
N ALA C 201 35.02 4.51 3.20
CA ALA C 201 33.81 5.33 3.33
C ALA C 201 33.94 6.66 2.58
N THR C 202 33.08 6.86 1.60
CA THR C 202 32.98 8.14 0.88
C THR C 202 31.78 8.91 1.42
N HIS C 203 32.10 9.99 2.10
CA HIS C 203 31.14 10.82 2.79
C HIS C 203 31.56 12.20 2.36
N LYS C 204 30.69 13.18 2.48
CA LYS C 204 30.94 14.55 2.04
C LYS C 204 31.95 15.50 2.71
N THR C 205 32.45 15.17 3.90
CA THR C 205 33.49 15.90 4.62
C THR C 205 34.86 15.38 4.21
N SER C 206 34.96 14.90 2.98
CA SER C 206 35.84 13.78 2.67
C SER C 206 37.02 14.19 1.84
N THR C 207 36.69 14.40 0.58
CA THR C 207 37.67 14.55 -0.51
C THR C 207 38.32 13.20 -0.82
N SER C 208 38.96 12.61 0.20
CA SER C 208 39.58 11.29 0.09
C SER C 208 38.92 10.33 1.09
N PRO C 209 38.64 9.09 0.65
CA PRO C 209 37.94 8.08 1.47
C PRO C 209 38.63 7.80 2.81
N ILE C 210 37.83 7.50 3.83
CA ILE C 210 38.35 6.98 5.08
C ILE C 210 38.47 5.47 4.92
N VAL C 211 39.66 4.93 5.14
CA VAL C 211 39.96 3.53 4.85
C VAL C 211 40.33 2.75 6.12
N LYS C 212 39.58 1.69 6.40
CA LYS C 212 39.96 0.71 7.43
C LYS C 212 40.18 -0.67 6.82
N SER C 213 41.26 -1.32 7.25
CA SER C 213 41.65 -2.61 6.69
C SER C 213 42.27 -3.52 7.76
N PHE C 214 42.21 -4.81 7.49
CA PHE C 214 42.98 -5.79 8.25
C PHE C 214 43.45 -6.91 7.31
N ASN C 215 44.45 -7.66 7.76
CA ASN C 215 44.87 -8.86 7.07
C ASN C 215 44.52 -10.10 7.88
N ARG C 216 43.90 -11.08 7.23
CA ARG C 216 43.49 -12.32 7.88
C ARG C 216 44.69 -13.09 8.45
N ASN C 217 45.76 -13.14 7.84
N GLN D 1 3.23 5.20 36.70
CA GLN D 1 2.27 4.19 37.29
C GLN D 1 1.25 3.65 36.29
N ILE D 2 0.97 4.41 35.23
CA ILE D 2 0.13 3.93 34.13
C ILE D 2 0.97 3.12 33.15
N THR D 3 0.70 1.82 33.08
CA THR D 3 1.46 0.89 32.25
C THR D 3 0.50 0.08 31.38
N LEU D 4 0.86 -0.13 30.12
CA LEU D 4 0.13 -1.02 29.23
C LEU D 4 1.08 -1.95 28.49
N GLU D 5 0.72 -3.23 28.41
CA GLU D 5 1.57 -4.25 27.82
C GLU D 5 0.76 -5.19 26.95
N GLU D 6 1.05 -5.18 25.66
CA GLU D 6 0.40 -6.09 24.72
C GLU D 6 1.17 -7.39 24.68
N SER D 7 0.43 -8.50 24.59
CA SER D 7 1.04 -9.79 24.27
C SER D 7 0.30 -10.46 23.10
N GLY D 8 1.07 -11.17 22.27
CA GLY D 8 0.54 -11.86 21.11
C GLY D 8 1.51 -12.94 20.64
N PRO D 9 1.14 -13.68 19.58
CA PRO D 9 1.89 -14.86 19.16
C PRO D 9 3.14 -14.55 18.33
N GLY D 10 3.26 -13.32 17.85
CA GLY D 10 4.43 -12.91 17.07
C GLY D 10 4.32 -13.29 15.61
N ILE D 11 3.85 -14.50 15.36
CA ILE D 11 3.66 -15.04 14.02
C ILE D 11 2.36 -15.84 13.98
N LEU D 12 1.65 -15.78 12.85
CA LEU D 12 0.48 -16.61 12.63
C LEU D 12 0.41 -17.01 11.18
N GLN D 13 -0.23 -18.15 10.92
CA GLN D 13 -0.49 -18.58 9.55
C GLN D 13 -1.73 -17.86 9.04
N PRO D 14 -1.81 -17.65 7.70
CA PRO D 14 -3.05 -17.15 7.10
C PRO D 14 -4.25 -18.01 7.51
N SER D 15 -5.39 -17.36 7.76
CA SER D 15 -6.67 -18.00 8.14
C SER D 15 -6.83 -18.32 9.63
N GLN D 16 -5.77 -18.13 10.42
CA GLN D 16 -5.84 -18.38 11.86
C GLN D 16 -6.42 -17.16 12.60
N THR D 17 -6.86 -17.40 13.82
CA THR D 17 -7.42 -16.34 14.65
C THR D 17 -6.32 -15.69 15.50
N LEU D 18 -6.17 -14.39 15.34
CA LEU D 18 -5.29 -13.59 16.19
C LEU D 18 -5.96 -13.28 17.52
N SER D 19 -5.25 -13.59 18.61
CA SER D 19 -5.70 -13.27 19.95
CA SER D 19 -5.70 -13.27 19.95
C SER D 19 -4.67 -12.39 20.64
N LEU D 20 -5.03 -11.13 20.89
CA LEU D 20 -4.16 -10.16 21.56
C LEU D 20 -4.68 -9.85 22.95
N THR D 21 -3.76 -9.67 23.89
CA THR D 21 -4.09 -9.30 25.26
C THR D 21 -3.39 -8.00 25.62
N CYS D 22 -4.13 -7.10 26.27
CA CYS D 22 -3.55 -5.89 26.83
C CYS D 22 -3.63 -5.97 28.35
N SER D 23 -2.47 -6.03 29.01
CA SER D 23 -2.40 -6.01 30.47
C SER D 23 -1.99 -4.61 30.92
N PHE D 24 -2.71 -4.06 31.88
CA PHE D 24 -2.48 -2.68 32.29
C PHE D 24 -2.50 -2.45 33.81
N SER D 25 -1.84 -1.38 34.23
CA SER D 25 -1.79 -0.93 35.62
C SER D 25 -2.01 0.58 35.70
N GLY D 26 -2.31 1.04 36.90
CA GLY D 26 -2.37 2.44 37.24
C GLY D 26 -3.78 2.89 37.18
N PHE D 27 -4.56 2.16 36.43
CA PHE D 27 -5.95 2.46 36.23
C PHE D 27 -6.80 1.21 36.20
N SER D 28 -8.06 1.34 36.56
CA SER D 28 -8.97 0.29 36.27
C SER D 28 -9.94 0.75 35.28
N LEU D 29 -10.47 -0.21 34.57
CA LEU D 29 -11.61 0.01 33.67
C LEU D 29 -12.96 -0.15 34.38
N SER D 30 -12.94 -0.32 35.70
CA SER D 30 -14.17 -0.23 36.49
C SER D 30 -14.44 1.24 36.80
N SER D 31 -13.44 2.08 36.59
CA SER D 31 -13.65 3.50 36.64
C SER D 31 -14.42 4.08 35.50
N SER D 32 -15.52 4.71 35.85
CA SER D 32 -16.20 5.65 35.00
C SER D 32 -15.29 6.45 34.12
N ALA D 33 -15.55 6.42 32.84
CA ALA D 33 -14.85 7.32 31.97
C ALA D 33 -13.60 6.77 31.31
N MET D 34 -13.31 5.51 31.56
CA MET D 34 -12.07 4.93 31.07
C MET D 34 -12.35 4.00 29.91
N SER D 35 -11.38 3.92 29.01
CA SER D 35 -11.45 3.04 27.87
C SER D 35 -10.04 2.55 27.55
N VAL D 36 -9.96 1.36 26.97
CA VAL D 36 -8.74 0.84 26.36
C VAL D 36 -9.04 0.54 24.89
N GLY D 37 -8.20 1.04 24.01
CA GLY D 37 -8.35 0.81 22.57
C GLY D 37 -7.22 0.08 21.88
N TRP D 38 -7.48 -0.33 20.64
CA TRP D 38 -6.51 -1.06 19.83
C TRP D 38 -6.18 -0.32 18.55
N ILE D 39 -4.89 -0.19 18.28
CA ILE D 39 -4.38 0.50 17.09
C ILE D 39 -3.31 -0.40 16.47
N ARG D 40 -3.24 -0.42 15.13
CA ARG D 40 -2.14 -1.12 14.46
C ARG D 40 -1.38 -0.25 13.48
N GLN D 41 -0.15 -0.67 13.17
CA GLN D 41 0.73 0.05 12.27
C GLN D 41 1.58 -0.91 11.45
N PRO D 42 1.20 -1.12 10.18
CA PRO D 42 2.16 -1.77 9.27
C PRO D 42 3.41 -0.89 9.16
N SER D 43 4.59 -1.52 9.20
CA SER D 43 5.86 -0.78 9.20
C SER D 43 5.99 0.15 7.99
N GLY D 44 6.28 1.42 8.27
CA GLY D 44 6.42 2.43 7.23
C GLY D 44 5.10 2.90 6.66
N LYS D 45 4.01 2.47 7.29
CA LYS D 45 2.66 2.86 6.88
C LYS D 45 1.91 3.53 8.03
N GLY D 46 0.71 4.03 7.73
CA GLY D 46 -0.07 4.83 8.68
C GLY D 46 -0.77 4.04 9.76
N LEU D 47 -1.03 4.69 10.89
CA LEU D 47 -1.79 4.10 11.99
C LEU D 47 -3.26 3.88 11.65
N GLU D 48 -3.78 2.74 12.10
CA GLU D 48 -5.18 2.37 11.89
C GLU D 48 -5.82 1.94 13.20
N TRP D 49 -6.80 2.73 13.63
CA TRP D 49 -7.62 2.40 14.79
C TRP D 49 -8.46 1.16 14.47
N LEU D 50 -8.51 0.25 15.44
CA LEU D 50 -9.20 -1.01 15.24
C LEU D 50 -10.52 -1.04 16.03
N ALA D 51 -10.41 -0.80 17.34
CA ALA D 51 -11.56 -0.89 18.21
C ALA D 51 -11.24 -0.38 19.61
N HIS D 52 -12.29 -0.09 20.38
CA HIS D 52 -12.13 0.16 21.82
C HIS D 52 -13.36 -0.19 22.64
N ILE D 53 -13.12 -0.39 23.93
CA ILE D 53 -14.14 -0.82 24.88
C ILE D 53 -14.14 0.14 26.08
N TRP D 54 -15.34 0.55 26.50
CA TRP D 54 -15.48 1.42 27.67
C TRP D 54 -15.78 0.61 28.93
N TRP D 55 -15.78 1.30 30.06
CA TRP D 55 -16.04 0.68 31.37
C TRP D 55 -17.43 0.01 31.46
N ASN D 56 -18.24 0.18 30.45
CA ASN D 56 -19.67 0.05 30.59
C ASN D 56 -20.06 -0.76 29.40
N ASP D 57 -19.05 -1.25 28.69
CA ASP D 57 -19.15 -2.35 27.79
C ASP D 57 -19.55 -2.05 26.37
N ASP D 58 -19.17 -0.89 25.85
CA ASP D 58 -19.83 -0.29 24.77
C ASP D 58 -18.60 -0.41 23.94
N LYS D 59 -18.80 -0.90 22.75
CA LYS D 59 -17.73 -1.34 21.95
C LYS D 59 -17.84 -0.57 20.70
N TYR D 60 -16.72 -0.04 20.28
CA TYR D 60 -16.61 0.71 19.04
C TYR D 60 -15.58 0.04 18.14
N TYR D 61 -15.97 -0.19 16.89
CA TYR D 61 -15.19 -0.99 15.94
C TYR D 61 -14.92 -0.23 14.65
N ASN D 62 -13.76 -0.50 14.03
CA ASN D 62 -13.51 -0.05 12.67
C ASN D 62 -14.46 -0.79 11.72
N PRO D 63 -15.39 -0.05 11.06
CA PRO D 63 -16.40 -0.65 10.18
C PRO D 63 -15.80 -1.40 8.98
N ALA D 64 -14.58 -1.02 8.60
CA ALA D 64 -13.86 -1.68 7.52
C ALA D 64 -13.42 -3.09 7.93
N LEU D 65 -13.27 -3.29 9.23
CA LEU D 65 -12.77 -4.55 9.80
C LEU D 65 -13.75 -5.27 10.72
N LYS D 66 -14.84 -4.59 11.12
CA LYS D 66 -15.74 -5.06 12.19
C LYS D 66 -16.13 -6.54 12.10
N SER D 67 -16.39 -6.99 10.88
CA SER D 67 -16.71 -8.38 10.57
C SER D 67 -15.76 -9.36 11.27
N ARG D 68 -14.49 -8.97 11.36
CA ARG D 68 -13.43 -9.85 11.86
C ARG D 68 -12.98 -9.55 13.29
N LEU D 69 -13.44 -8.44 13.87
CA LEU D 69 -12.97 -7.99 15.18
C LEU D 69 -13.88 -8.35 16.35
N THR D 70 -13.26 -8.63 17.49
CA THR D 70 -13.98 -8.78 18.75
C THR D 70 -13.13 -8.18 19.87
N VAL D 71 -13.67 -7.17 20.56
CA VAL D 71 -13.02 -6.60 21.74
CA VAL D 71 -13.03 -6.60 21.74
C VAL D 71 -13.80 -7.03 22.98
N SER D 72 -13.06 -7.33 24.04
CA SER D 72 -13.69 -7.72 25.29
C SER D 72 -12.84 -7.28 26.46
N LYS D 73 -13.42 -7.32 27.65
CA LYS D 73 -12.68 -7.06 28.88
C LYS D 73 -12.99 -8.11 29.93
N ASP D 74 -11.98 -8.43 30.72
CA ASP D 74 -12.14 -9.06 32.03
C ASP D 74 -11.34 -8.08 32.90
N SER D 75 -12.02 -7.30 33.71
CA SER D 75 -13.17 -7.77 34.46
C SER D 75 -12.81 -8.06 35.88
N SER D 76 -11.54 -8.06 36.17
CA SER D 76 -11.08 -8.45 37.47
C SER D 76 -9.58 -8.30 37.40
N ASP D 77 -9.02 -8.69 36.26
CA ASP D 77 -7.62 -9.05 36.12
C ASP D 77 -6.94 -7.93 35.42
N ASN D 78 -7.65 -6.84 35.28
CA ASN D 78 -7.14 -5.67 34.54
C ASN D 78 -6.60 -6.00 33.14
N GLN D 79 -7.44 -6.64 32.33
CA GLN D 79 -7.04 -7.05 30.98
C GLN D 79 -8.09 -6.75 29.93
N VAL D 80 -7.62 -6.41 28.73
CA VAL D 80 -8.47 -6.21 27.56
C VAL D 80 -7.97 -7.13 26.43
N PHE D 81 -8.90 -7.61 25.60
CA PHE D 81 -8.61 -8.58 24.55
C PHE D 81 -9.06 -8.11 23.19
N LEU D 82 -8.34 -8.52 22.15
CA LEU D 82 -8.78 -8.34 20.77
C LEU D 82 -8.64 -9.63 19.99
N LYS D 83 -9.72 -10.05 19.35
CA LYS D 83 -9.65 -11.17 18.42
C LYS D 83 -9.79 -10.64 17.01
N ILE D 84 -8.88 -11.05 16.13
CA ILE D 84 -9.03 -10.80 14.70
C ILE D 84 -9.16 -12.14 13.98
N ALA D 85 -10.36 -12.40 13.46
CA ALA D 85 -10.67 -13.68 12.82
C ALA D 85 -9.95 -13.84 11.48
N SER D 86 -9.77 -15.10 11.08
CA SER D 86 -9.05 -15.51 9.86
C SER D 86 -8.15 -14.44 9.25
N VAL D 87 -6.92 -14.39 9.75
CA VAL D 87 -5.96 -13.36 9.39
C VAL D 87 -5.44 -13.51 7.96
N VAL D 88 -5.12 -12.37 7.36
CA VAL D 88 -4.50 -12.32 6.03
C VAL D 88 -3.16 -11.61 6.11
N THR D 89 -2.38 -11.72 5.04
CA THR D 89 -1.08 -11.06 4.92
C THR D 89 -1.12 -9.58 5.32
N ALA D 90 -2.19 -8.87 4.96
CA ALA D 90 -2.36 -7.45 5.25
C ALA D 90 -2.53 -7.12 6.73
N ASP D 91 -2.69 -8.14 7.57
CA ASP D 91 -2.81 -7.96 9.02
C ASP D 91 -1.44 -7.91 9.70
N THR D 92 -0.37 -8.09 8.92
CA THR D 92 1.00 -7.93 9.39
C THR D 92 1.21 -6.49 9.80
N ALA D 93 1.57 -6.29 11.07
CA ALA D 93 1.62 -4.96 11.67
C ALA D 93 2.17 -5.02 13.11
N THR D 94 2.46 -3.85 13.68
CA THR D 94 2.65 -3.72 15.12
C THR D 94 1.32 -3.30 15.75
N TYR D 95 0.89 -4.05 16.76
CA TYR D 95 -0.39 -3.82 17.43
C TYR D 95 -0.20 -3.19 18.79
N TYR D 96 -0.92 -2.09 19.02
CA TYR D 96 -0.85 -1.35 20.28
C TYR D 96 -2.18 -1.32 21.01
N CYS D 97 -2.11 -1.31 22.34
CA CYS D 97 -3.22 -0.79 23.16
C CYS D 97 -2.87 0.55 23.84
N ALA D 98 -3.88 1.40 24.08
CA ALA D 98 -3.83 2.67 24.85
C ALA D 98 -5.15 2.61 25.70
N ARG D 99 -5.21 3.07 26.98
CA ARG D 99 -5.77 4.38 27.47
C ARG D 99 -6.22 5.41 26.42
N ILE D 100 -7.52 5.40 26.10
CA ILE D 100 -8.57 6.43 26.42
C ILE D 100 -9.28 6.84 27.76
N PRO D 101 -8.84 7.91 28.35
CA PRO D 101 -9.58 8.51 29.41
C PRO D 101 -10.49 9.60 28.92
N GLY D 102 -11.68 9.27 28.42
CA GLY D 102 -12.26 9.69 27.15
C GLY D 102 -11.71 10.96 26.64
N PHE D 103 -12.10 11.43 25.50
CA PHE D 103 -11.06 12.09 24.76
C PHE D 103 -10.29 11.44 23.66
N GLY D 104 -9.53 10.38 23.89
CA GLY D 104 -8.48 10.14 22.96
C GLY D 104 -7.50 9.31 23.67
N PHE D 105 -6.60 8.75 22.95
CA PHE D 105 -5.45 8.01 23.48
C PHE D 105 -4.51 8.90 24.26
N ASP D 106 -4.10 8.44 25.45
CA ASP D 106 -2.98 9.10 26.13
C ASP D 106 -1.76 8.19 26.27
N TYR D 107 -1.87 7.11 27.05
CA TYR D 107 -0.74 6.19 27.27
C TYR D 107 -0.81 4.98 26.35
N TRP D 108 0.25 4.77 25.59
CA TRP D 108 0.34 3.67 24.65
C TRP D 108 1.24 2.58 25.23
N GLY D 109 0.94 1.33 24.88
CA GLY D 109 1.83 0.22 25.19
C GLY D 109 3.02 0.23 24.23
N GLN D 110 3.99 -0.63 24.50
CA GLN D 110 5.21 -0.72 23.70
C GLN D 110 4.96 -1.36 22.33
N GLY D 111 3.85 -2.08 22.22
CA GLY D 111 3.44 -2.70 20.97
C GLY D 111 3.88 -4.15 20.85
N THR D 112 3.09 -4.94 20.12
CA THR D 112 3.47 -6.30 19.77
C THR D 112 3.40 -6.49 18.25
N THR D 113 4.50 -6.99 17.69
CA THR D 113 4.62 -7.18 16.26
C THR D 113 4.08 -8.53 15.82
N LEU D 114 3.16 -8.51 14.85
CA LEU D 114 2.62 -9.73 14.29
C LEU D 114 2.96 -9.82 12.81
N THR D 115 3.48 -10.99 12.40
CA THR D 115 3.70 -11.28 10.98
C THR D 115 2.80 -12.44 10.58
N VAL D 116 2.04 -12.25 9.51
CA VAL D 116 1.24 -13.32 8.94
C VAL D 116 2.08 -14.02 7.87
N SER D 117 2.46 -15.26 8.16
CA SER D 117 3.38 -16.03 7.33
C SER D 117 3.11 -17.52 7.47
N SER D 118 3.42 -18.25 6.41
CA SER D 118 3.38 -19.71 6.44
C SER D 118 4.76 -20.30 6.77
N ALA D 119 5.74 -19.43 7.04
CA ALA D 119 7.11 -19.85 7.32
C ALA D 119 7.38 -20.19 8.79
N THR D 120 8.37 -21.05 9.01
CA THR D 120 8.81 -21.43 10.35
C THR D 120 9.48 -20.22 11.01
N THR D 121 9.28 -20.10 12.32
CA THR D 121 10.03 -19.14 13.13
C THR D 121 11.46 -19.64 13.33
N THR D 122 12.43 -18.76 13.09
CA THR D 122 13.85 -19.08 13.27
C THR D 122 14.48 -18.10 14.25
N ALA D 123 15.13 -18.64 15.27
CA ALA D 123 15.85 -17.84 16.25
C ALA D 123 17.18 -17.35 15.64
N PRO D 124 17.61 -16.13 16.00
CA PRO D 124 18.86 -15.59 15.48
C PRO D 124 20.11 -16.33 15.97
N SER D 125 21.16 -16.26 15.15
CA SER D 125 22.52 -16.53 15.61
C SER D 125 23.15 -15.20 16.00
N VAL D 126 23.84 -15.20 17.14
CA VAL D 126 24.51 -13.99 17.62
C VAL D 126 26.02 -14.17 17.62
N TYR D 127 26.70 -13.36 16.81
CA TYR D 127 28.16 -13.41 16.69
C TYR D 127 28.79 -12.13 17.24
N PRO D 128 29.95 -12.25 17.91
CA PRO D 128 30.57 -11.05 18.46
C PRO D 128 31.28 -10.20 17.41
N LEU D 129 31.30 -8.89 17.65
CA LEU D 129 32.09 -7.95 16.87
C LEU D 129 33.26 -7.52 17.74
N VAL D 130 34.45 -8.04 17.41
CA VAL D 130 35.66 -7.81 18.20
C VAL D 130 36.72 -7.10 17.33
N PRO D 131 37.32 -6.01 17.85
CA PRO D 131 38.44 -5.35 17.20
C PRO D 131 39.74 -6.12 17.35
N SER D 139 42.21 4.28 23.50
CA SER D 139 41.52 5.56 23.70
C SER D 139 40.05 5.31 24.03
N SER D 140 39.32 4.77 23.06
CA SER D 140 38.01 4.15 23.30
C SER D 140 37.87 2.90 22.42
N VAL D 141 36.98 1.99 22.80
CA VAL D 141 36.78 0.75 22.02
C VAL D 141 35.31 0.50 21.66
N THR D 142 35.07 0.25 20.37
CA THR D 142 33.75 -0.11 19.89
C THR D 142 33.65 -1.63 19.74
N LEU D 143 32.71 -2.21 20.46
CA LEU D 143 32.41 -3.64 20.39
C LEU D 143 30.98 -3.78 19.88
N GLY D 144 30.54 -5.02 19.67
CA GLY D 144 29.16 -5.25 19.27
C GLY D 144 28.78 -6.70 19.07
N CYS D 145 27.52 -6.92 18.69
CA CYS D 145 27.12 -8.23 18.17
C CYS D 145 26.24 -8.20 16.95
N LEU D 146 26.37 -9.26 16.17
CA LEU D 146 25.70 -9.36 14.91
C LEU D 146 24.97 -10.68 14.72
N VAL D 147 23.74 -10.63 14.21
CA VAL D 147 22.49 -10.93 14.92
C VAL D 147 21.78 -11.34 13.61
N LYS D 148 21.97 -12.60 13.21
CA LYS D 148 21.56 -13.09 11.88
C LYS D 148 20.77 -14.40 11.95
N GLY D 149 19.79 -14.63 11.08
CA GLY D 149 18.48 -13.95 11.08
C GLY D 149 17.76 -15.25 11.40
N TYR D 150 16.80 -15.34 12.32
CA TYR D 150 15.63 -14.48 12.56
C TYR D 150 14.81 -14.24 11.26
N PHE D 151 13.77 -15.06 11.05
CA PHE D 151 12.36 -14.68 11.07
C PHE D 151 11.42 -15.12 12.22
N PRO D 152 10.34 -14.32 12.48
CA PRO D 152 10.08 -12.99 11.94
C PRO D 152 10.68 -11.90 12.83
N GLU D 153 10.38 -10.65 12.49
CA GLU D 153 10.68 -9.50 13.33
C GLU D 153 9.79 -9.48 14.57
N PRO D 154 10.26 -8.83 15.67
CA PRO D 154 11.56 -8.17 15.79
C PRO D 154 12.59 -8.92 16.62
N VAL D 155 13.79 -8.35 16.67
CA VAL D 155 14.81 -8.67 17.65
C VAL D 155 15.08 -7.40 18.46
N THR D 156 15.22 -7.55 19.78
CA THR D 156 15.67 -6.44 20.62
C THR D 156 17.06 -6.75 21.20
N VAL D 157 17.91 -5.74 21.26
CA VAL D 157 19.25 -5.90 21.80
C VAL D 157 19.49 -4.90 22.92
N LYS D 158 19.88 -5.44 24.07
CA LYS D 158 20.34 -4.64 25.20
C LYS D 158 21.79 -5.00 25.51
N TRP D 159 22.46 -4.12 26.25
CA TRP D 159 23.82 -4.35 26.69
C TRP D 159 23.86 -4.35 28.21
N ASN D 160 24.43 -5.42 28.77
CA ASN D 160 24.45 -5.65 30.21
C ASN D 160 23.07 -5.42 30.84
N TYR D 161 22.05 -6.03 30.26
CA TYR D 161 20.70 -6.01 30.74
C TYR D 161 20.00 -4.70 30.73
N GLY D 162 20.50 -3.79 29.94
CA GLY D 162 19.93 -2.45 29.86
C GLY D 162 20.78 -1.38 30.54
N ALA D 163 21.62 -1.80 31.50
CA ALA D 163 22.46 -0.89 32.28
C ALA D 163 23.42 -0.06 31.41
N LEU D 164 24.00 -0.70 30.40
CA LEU D 164 24.87 -0.03 29.45
C LEU D 164 24.02 0.49 28.29
N SER D 165 23.78 1.80 28.28
CA SER D 165 22.89 2.43 27.31
C SER D 165 23.57 3.54 26.50
N SER D 166 24.55 4.21 27.11
CA SER D 166 25.27 5.27 26.43
C SER D 166 26.26 4.70 25.42
N GLY D 167 26.21 5.24 24.20
CA GLY D 167 27.11 4.83 23.12
C GLY D 167 26.62 3.63 22.33
N VAL D 168 25.37 3.25 22.54
CA VAL D 168 24.78 2.10 21.85
C VAL D 168 24.17 2.52 20.51
N ARG D 169 24.56 1.82 19.45
CA ARG D 169 24.05 2.07 18.10
C ARG D 169 23.52 0.77 17.49
N THR D 170 22.21 0.67 17.40
CA THR D 170 21.58 -0.51 16.81
C THR D 170 20.95 -0.11 15.46
N VAL D 171 21.50 -0.66 14.38
CA VAL D 171 21.01 -0.38 13.03
C VAL D 171 19.70 -1.13 12.76
N SER D 172 18.89 -0.61 11.85
CA SER D 172 17.65 -1.26 11.48
C SER D 172 17.91 -2.63 10.85
N SER D 173 16.92 -3.50 10.94
CA SER D 173 17.00 -4.83 10.32
C SER D 173 17.08 -4.75 8.80
N VAL D 174 17.75 -5.72 8.21
CA VAL D 174 17.75 -5.89 6.77
C VAL D 174 17.20 -7.29 6.50
N LEU D 175 16.32 -7.40 5.51
CA LEU D 175 15.77 -8.69 5.10
C LEU D 175 16.47 -9.18 3.83
N GLN D 176 16.99 -10.41 3.90
CA GLN D 176 17.65 -11.03 2.75
C GLN D 176 17.51 -12.55 2.79
N SER D 177 17.03 -13.12 1.68
CA SER D 177 16.82 -14.57 1.54
C SER D 177 15.90 -15.17 2.61
N GLY D 178 14.89 -14.40 3.02
CA GLY D 178 13.90 -14.85 3.99
C GLY D 178 14.21 -14.52 5.44
N PHE D 179 15.44 -14.11 5.71
CA PHE D 179 15.85 -13.83 7.08
C PHE D 179 16.27 -12.39 7.31
N TYR D 180 15.99 -11.92 8.52
CA TYR D 180 16.40 -10.62 8.99
C TYR D 180 17.75 -10.66 9.69
N SER D 181 18.47 -9.55 9.66
CA SER D 181 19.69 -9.42 10.42
C SER D 181 19.88 -7.97 10.85
N LEU D 182 20.55 -7.79 11.98
CA LEU D 182 20.95 -6.46 12.39
C LEU D 182 22.28 -6.50 13.14
N SER D 183 22.79 -5.31 13.44
CA SER D 183 24.03 -5.17 14.17
C SER D 183 23.77 -4.20 15.32
N SER D 184 24.34 -4.50 16.47
CA SER D 184 24.28 -3.60 17.62
C SER D 184 25.69 -3.37 18.16
N LEU D 185 26.05 -2.11 18.34
CA LEU D 185 27.40 -1.75 18.76
C LEU D 185 27.43 -0.74 19.92
N VAL D 186 28.34 -0.97 20.86
CA VAL D 186 28.67 -0.06 21.97
C VAL D 186 30.17 0.25 21.69
N THR D 187 30.47 1.53 21.77
CA THR D 187 31.56 2.14 22.51
C THR D 187 31.48 2.45 24.02
N VAL D 188 32.62 2.73 24.60
CA VAL D 188 33.51 1.72 25.09
C VAL D 188 34.88 2.17 25.65
N PRO D 189 34.97 2.65 26.88
CA PRO D 189 35.98 3.64 27.27
C PRO D 189 37.40 3.47 26.75
N SER D 190 38.08 2.38 27.06
CA SER D 190 39.26 2.14 26.27
C SER D 190 40.03 1.14 27.03
N SER D 191 39.96 1.24 28.32
CA SER D 191 39.33 0.23 29.08
C SER D 191 38.82 0.74 30.37
N THR D 192 37.97 -0.07 30.97
CA THR D 192 36.74 -0.47 30.29
C THR D 192 36.54 -1.97 30.06
N TRP D 193 37.11 -2.43 28.97
CA TRP D 193 36.99 -3.75 28.43
C TRP D 193 38.38 -3.97 28.01
N PRO D 194 38.91 -5.16 28.23
CA PRO D 194 38.16 -6.30 28.77
C PRO D 194 38.27 -6.49 30.29
N SER D 195 38.58 -5.43 31.03
CA SER D 195 38.66 -5.49 32.49
C SER D 195 37.31 -5.76 33.15
N GLN D 196 36.24 -5.36 32.46
CA GLN D 196 34.86 -5.64 32.87
C GLN D 196 34.19 -6.45 31.77
N THR D 197 33.31 -7.38 32.15
CA THR D 197 32.63 -8.24 31.19
C THR D 197 31.47 -7.52 30.50
N VAL D 198 31.56 -7.38 29.17
CA VAL D 198 30.50 -6.78 28.35
C VAL D 198 29.73 -7.87 27.63
N ILE D 199 28.40 -7.85 27.79
CA ILE D 199 27.52 -8.84 27.18
C ILE D 199 26.43 -8.15 26.35
N CYS D 200 26.06 -8.74 25.23
CA CYS D 200 24.82 -8.35 24.57
C CYS D 200 23.71 -9.35 24.85
N ASN D 201 22.56 -8.80 25.24
CA ASN D 201 21.36 -9.58 25.49
C ASN D 201 20.44 -9.44 24.30
N VAL D 202 20.20 -10.55 23.61
CA VAL D 202 19.38 -10.56 22.42
C VAL D 202 18.09 -11.34 22.67
N ALA D 203 16.97 -10.64 22.53
CA ALA D 203 15.66 -11.27 22.64
C ALA D 203 15.04 -11.44 21.26
N HIS D 204 14.43 -12.60 21.03
CA HIS D 204 13.63 -12.82 19.83
C HIS D 204 12.27 -13.37 20.25
N PRO D 205 11.31 -12.46 20.53
CA PRO D 205 10.00 -12.78 21.14
C PRO D 205 9.19 -13.86 20.44
N ALA D 206 9.21 -13.89 19.11
CA ALA D 206 8.39 -14.84 18.33
C ALA D 206 8.79 -16.31 18.52
N SER D 207 10.07 -16.57 18.78
CA SER D 207 10.54 -17.93 19.05
C SER D 207 10.74 -18.19 20.54
N LYS D 208 10.19 -17.29 21.37
CA LYS D 208 10.47 -17.25 22.82
C LYS D 208 11.97 -17.42 23.11
N THR D 209 12.79 -16.65 22.42
CA THR D 209 14.24 -16.79 22.51
C THR D 209 14.87 -15.64 23.31
N GLU D 210 15.65 -16.02 24.32
CA GLU D 210 16.48 -15.09 25.09
C GLU D 210 17.90 -15.61 25.01
N LEU D 211 18.77 -14.88 24.32
CA LEU D 211 20.13 -15.37 24.16
C LEU D 211 21.21 -14.33 24.46
N ILE D 212 22.42 -14.83 24.71
CA ILE D 212 23.49 -14.03 25.30
C ILE D 212 24.82 -14.23 24.57
N LYS D 213 25.65 -13.18 24.58
CA LYS D 213 26.98 -13.23 24.01
C LYS D 213 27.92 -12.31 24.76
N ARG D 214 28.98 -12.87 25.32
CA ARG D 214 29.97 -12.11 26.09
C ARG D 214 31.18 -11.79 25.20
N ILE D 215 31.42 -10.50 24.97
CA ILE D 215 32.47 -10.06 24.06
C ILE D 215 33.85 -10.34 24.63
N GLU D 216 34.61 -11.17 23.92
CA GLU D 216 35.92 -11.65 24.39
C GLU D 216 37.03 -11.11 23.48
N PRO D 217 38.18 -10.73 24.07
CA PRO D 217 39.26 -10.17 23.24
C PRO D 217 40.02 -11.24 22.45
N ARG D 218 40.45 -10.88 21.25
CA ARG D 218 41.23 -11.77 20.38
C ARG D 218 42.61 -12.09 20.95
#